data_6RM2
#
_entry.id   6RM2
#
_cell.length_a   90.820
_cell.length_b   90.820
_cell.length_c   192.170
_cell.angle_alpha   90.00
_cell.angle_beta   90.00
_cell.angle_gamma   90.00
#
_symmetry.space_group_name_H-M   'P 41 21 2'
#
loop_
_entity.id
_entity.type
_entity.pdbx_description
1 polymer 'Adenylosuccinate synthetase'
2 non-polymer "ADENOSINE-5'-TRIPHOSPHATE"
3 non-polymer 'MAGNESIUM ION'
4 non-polymer 'INOSINIC ACID'
5 non-polymer 'SULFATE ION'
6 water water
#
_entity_poly.entity_id   1
_entity_poly.type   'polypeptide(L)'
_entity_poly.pdbx_seq_one_letter_code
;MGSSHHHHHHSSGLVPRGSHMENVDLVIDLQFGSTGKGLIAGYLAEKNGYDTVINANMPNAGHTYINAEGRKWMHKVLPN
GIVSPNLKRVMLGAGSVFSINRLMEEIEMSKDLLHDKVAILIHPMATVLDEEAHKKAEVGIATSIGSTGQGSMAAMVEKL
QRDPTNNTIVARDVAQYDGRIAQYVCTVEEWDMALMASERILAEGAQGFSLSLNQEFYPYCTSRDCTPARFLADMGIPLP
MLNKVIGTARCHPIRVGGTSGGHYPDQEELTWEQLGQVPELTTVTKKVRRVFSFSFIQMQKAMWTCQPDEVFLNFCNYLS
PMGWQDIVHQIEVAAQSRYCDAEVKYLGFGPTFNDVELREDVM
;
_entity_poly.pdbx_strand_id   A,B
#
# COMPACT_ATOMS: atom_id res chain seq x y z
N MET A 21 -3.68 -0.46 -21.61
CA MET A 21 -2.82 -0.10 -20.48
C MET A 21 -2.58 -1.24 -19.49
N GLU A 22 -3.44 -2.27 -19.49
CA GLU A 22 -3.36 -3.44 -18.61
C GLU A 22 -2.26 -4.38 -19.10
N ASN A 23 -1.05 -4.25 -18.55
CA ASN A 23 0.09 -5.04 -19.00
C ASN A 23 0.95 -5.59 -17.88
N VAL A 24 0.54 -5.44 -16.61
CA VAL A 24 1.29 -5.94 -15.45
C VAL A 24 0.76 -7.27 -14.98
N ASP A 25 1.63 -8.28 -14.95
CA ASP A 25 1.38 -9.61 -14.39
C ASP A 25 2.11 -9.60 -13.03
N LEU A 26 1.34 -9.75 -11.93
CA LEU A 26 1.88 -9.69 -10.57
C LEU A 26 1.93 -11.05 -9.90
N VAL A 27 3.12 -11.41 -9.40
CA VAL A 27 3.38 -12.67 -8.70
C VAL A 27 3.32 -12.44 -7.18
N ILE A 28 2.43 -13.16 -6.48
CA ILE A 28 2.25 -13.06 -5.03
C ILE A 28 2.12 -14.44 -4.36
N ASP A 29 2.48 -14.54 -3.08
CA ASP A 29 2.41 -15.77 -2.27
C ASP A 29 1.11 -15.81 -1.44
N LEU A 30 0.40 -16.91 -1.47
CA LEU A 30 -0.88 -17.07 -0.78
C LEU A 30 -0.80 -17.69 0.63
N GLN A 31 0.40 -18.04 1.12
CA GLN A 31 0.53 -18.67 2.43
C GLN A 31 1.51 -17.89 3.35
N PHE A 32 2.61 -18.51 3.87
CA PHE A 32 3.52 -17.78 4.76
C PHE A 32 4.91 -17.53 4.13
N GLY A 33 4.97 -17.47 2.81
CA GLY A 33 6.24 -17.26 2.10
C GLY A 33 6.94 -18.56 1.74
N SER A 34 8.06 -18.43 1.00
CA SER A 34 8.90 -19.55 0.49
C SER A 34 8.09 -20.66 -0.22
N THR A 35 7.18 -20.27 -1.17
CA THR A 35 6.32 -21.21 -1.93
C THR A 35 6.81 -21.56 -3.34
N GLY A 36 7.67 -20.70 -3.89
CA GLY A 36 8.18 -20.85 -5.24
C GLY A 36 7.90 -19.64 -6.13
N LYS A 37 7.86 -18.42 -5.54
CA LYS A 37 7.68 -17.15 -6.30
C LYS A 37 8.83 -16.97 -7.32
N GLY A 38 10.06 -17.26 -6.90
CA GLY A 38 11.21 -17.19 -7.80
C GLY A 38 11.12 -18.17 -8.95
N LEU A 39 10.69 -19.42 -8.69
CA LEU A 39 10.52 -20.44 -9.74
C LEU A 39 9.48 -20.04 -10.82
N ILE A 40 8.28 -19.57 -10.44
CA ILE A 40 7.27 -19.17 -11.43
C ILE A 40 7.64 -17.86 -12.14
N ALA A 41 8.33 -16.92 -11.46
CA ALA A 41 8.77 -15.65 -12.06
C ALA A 41 9.76 -15.91 -13.19
N GLY A 42 10.71 -16.82 -12.98
CA GLY A 42 11.68 -17.19 -14.00
C GLY A 42 11.02 -17.89 -15.17
N TYR A 43 10.11 -18.83 -14.84
CA TYR A 43 9.32 -19.62 -15.79
C TYR A 43 8.47 -18.70 -16.69
N LEU A 44 7.70 -17.76 -16.09
CA LEU A 44 6.83 -16.81 -16.80
C LEU A 44 7.65 -15.85 -17.66
N ALA A 45 8.81 -15.37 -17.14
CA ALA A 45 9.75 -14.50 -17.84
C ALA A 45 10.24 -15.17 -19.14
N GLU A 46 10.61 -16.48 -19.07
CA GLU A 46 11.06 -17.25 -20.23
C GLU A 46 9.97 -17.53 -21.24
N LYS A 47 8.75 -17.75 -20.78
CA LYS A 47 7.57 -18.05 -21.61
C LYS A 47 6.94 -16.80 -22.26
N ASN A 48 6.74 -15.73 -21.49
CA ASN A 48 6.05 -14.51 -21.94
C ASN A 48 6.93 -13.36 -22.42
N GLY A 49 8.24 -13.44 -22.16
CA GLY A 49 9.24 -12.48 -22.62
C GLY A 49 8.95 -11.01 -22.34
N TYR A 50 8.65 -10.68 -21.09
CA TYR A 50 8.39 -9.31 -20.60
C TYR A 50 9.59 -8.40 -20.89
N ASP A 51 9.36 -7.13 -21.28
CA ASP A 51 10.47 -6.20 -21.50
C ASP A 51 10.88 -5.49 -20.20
N THR A 52 9.95 -5.40 -19.21
CA THR A 52 10.21 -4.77 -17.90
C THR A 52 9.95 -5.76 -16.76
N VAL A 53 10.88 -5.82 -15.80
CA VAL A 53 10.76 -6.64 -14.61
C VAL A 53 10.88 -5.71 -13.40
N ILE A 54 9.92 -5.79 -12.48
CA ILE A 54 9.92 -4.86 -11.36
C ILE A 54 9.69 -5.58 -10.03
N ASN A 55 10.27 -5.05 -8.95
CA ASN A 55 10.09 -5.59 -7.59
C ASN A 55 10.22 -4.48 -6.51
N ALA A 56 10.14 -4.87 -5.22
CA ALA A 56 10.29 -4.00 -4.04
C ALA A 56 10.66 -4.90 -2.85
N ASN A 57 11.75 -5.67 -3.00
CA ASN A 57 12.21 -6.61 -1.97
C ASN A 57 12.92 -5.94 -0.81
N MET A 58 12.84 -6.58 0.36
CA MET A 58 13.58 -6.22 1.56
C MET A 58 14.56 -7.37 1.81
N PRO A 59 15.65 -7.18 2.61
CA PRO A 59 16.66 -8.25 2.73
C PRO A 59 16.23 -9.55 3.44
N ASN A 60 14.94 -9.65 3.87
CA ASN A 60 14.31 -10.80 4.56
C ASN A 60 14.75 -12.17 4.06
N ALA A 61 14.62 -12.41 2.72
CA ALA A 61 14.99 -13.69 2.10
C ALA A 61 15.24 -13.58 0.59
N GLY A 62 15.99 -14.58 0.08
CA GLY A 62 16.37 -14.73 -1.32
C GLY A 62 15.51 -15.72 -2.07
N HIS A 63 15.09 -15.34 -3.28
CA HIS A 63 14.27 -16.13 -4.17
C HIS A 63 15.16 -16.82 -5.19
N THR A 64 14.85 -18.10 -5.45
CA THR A 64 15.64 -18.97 -6.33
C THR A 64 14.91 -19.31 -7.63
N TYR A 65 15.65 -19.33 -8.70
CA TYR A 65 15.23 -19.80 -10.02
C TYR A 65 16.36 -20.63 -10.60
N ILE A 66 16.02 -21.79 -11.19
CA ILE A 66 16.90 -22.74 -11.87
C ILE A 66 16.28 -23.01 -13.24
N ASN A 67 17.02 -22.74 -14.32
CA ASN A 67 16.53 -22.90 -15.67
C ASN A 67 16.73 -24.34 -16.21
N ALA A 68 16.30 -24.61 -17.46
CA ALA A 68 16.41 -25.94 -18.11
C ALA A 68 17.82 -26.50 -18.20
N GLU A 69 18.85 -25.62 -18.32
CA GLU A 69 20.26 -26.03 -18.44
C GLU A 69 20.96 -26.18 -17.07
N GLY A 70 20.26 -25.86 -15.99
CA GLY A 70 20.82 -25.99 -14.65
C GLY A 70 21.47 -24.74 -14.07
N ARG A 71 21.41 -23.58 -14.78
CA ARG A 71 21.93 -22.33 -14.22
C ARG A 71 20.98 -21.85 -13.10
N LYS A 72 21.55 -21.44 -11.95
CA LYS A 72 20.80 -21.04 -10.74
C LYS A 72 21.02 -19.57 -10.35
N TRP A 73 19.91 -18.88 -9.99
CA TRP A 73 19.90 -17.49 -9.52
C TRP A 73 19.26 -17.46 -8.16
N MET A 74 19.95 -16.87 -7.21
CA MET A 74 19.46 -16.66 -5.86
C MET A 74 19.51 -15.14 -5.65
N HIS A 75 18.33 -14.52 -5.67
CA HIS A 75 18.22 -13.05 -5.57
C HIS A 75 17.55 -12.56 -4.33
N LYS A 76 18.16 -11.55 -3.67
CA LYS A 76 17.59 -10.81 -2.51
C LYS A 76 17.19 -9.41 -2.98
N VAL A 77 17.77 -8.92 -4.11
CA VAL A 77 17.55 -7.57 -4.62
C VAL A 77 16.91 -7.58 -6.01
N LEU A 78 17.61 -8.17 -6.98
CA LEU A 78 17.16 -8.17 -8.36
C LEU A 78 15.95 -9.07 -8.57
N PRO A 79 14.99 -8.69 -9.45
CA PRO A 79 13.88 -9.62 -9.77
C PRO A 79 14.44 -10.91 -10.42
N ASN A 80 13.70 -12.02 -10.37
CA ASN A 80 14.12 -13.29 -10.97
C ASN A 80 13.86 -13.33 -12.47
N GLY A 81 12.97 -12.44 -12.93
CA GLY A 81 12.56 -12.30 -14.32
C GLY A 81 13.58 -11.72 -15.28
N ILE A 82 14.80 -11.39 -14.81
CA ILE A 82 15.92 -10.89 -15.63
C ILE A 82 16.33 -11.93 -16.71
N VAL A 83 15.80 -13.17 -16.61
CA VAL A 83 16.04 -14.30 -17.55
C VAL A 83 15.14 -14.17 -18.80
N SER A 84 14.31 -13.10 -18.84
CA SER A 84 13.42 -12.81 -19.97
C SER A 84 14.20 -12.54 -21.25
N PRO A 85 13.91 -13.32 -22.32
CA PRO A 85 14.62 -13.11 -23.61
C PRO A 85 14.45 -11.72 -24.24
N ASN A 86 13.51 -10.90 -23.75
CA ASN A 86 13.27 -9.54 -24.26
C ASN A 86 13.49 -8.46 -23.21
N LEU A 87 14.27 -8.76 -22.17
CA LEU A 87 14.59 -7.80 -21.11
C LEU A 87 15.16 -6.48 -21.66
N LYS A 88 14.57 -5.37 -21.22
CA LYS A 88 14.92 -4.01 -21.61
C LYS A 88 15.09 -3.16 -20.34
N ARG A 89 14.27 -3.41 -19.29
CA ARG A 89 14.31 -2.66 -18.02
C ARG A 89 14.23 -3.54 -16.79
N VAL A 90 15.03 -3.23 -15.77
CA VAL A 90 15.05 -3.88 -14.44
C VAL A 90 14.81 -2.71 -13.46
N MET A 91 13.69 -2.73 -12.74
CA MET A 91 13.32 -1.62 -11.86
C MET A 91 13.13 -2.06 -10.41
N LEU A 92 13.79 -1.33 -9.48
CA LEU A 92 13.71 -1.60 -8.03
C LEU A 92 12.94 -0.46 -7.37
N GLY A 93 11.71 -0.77 -6.93
CA GLY A 93 10.76 0.18 -6.35
C GLY A 93 11.17 0.93 -5.09
N ALA A 94 10.39 1.95 -4.77
CA ALA A 94 10.51 2.82 -3.60
C ALA A 94 10.46 2.06 -2.26
N GLY A 95 9.72 0.93 -2.26
CA GLY A 95 9.57 0.04 -1.11
C GLY A 95 10.74 -0.91 -0.87
N SER A 96 11.74 -0.94 -1.78
CA SER A 96 12.94 -1.76 -1.67
C SER A 96 13.84 -1.33 -0.50
N VAL A 97 14.44 -2.32 0.17
CA VAL A 97 15.47 -2.17 1.19
C VAL A 97 16.58 -3.09 0.70
N PHE A 98 17.74 -2.52 0.36
CA PHE A 98 18.81 -3.33 -0.21
C PHE A 98 20.20 -2.96 0.27
N SER A 99 21.06 -3.98 0.27
CA SER A 99 22.49 -3.89 0.55
C SER A 99 23.15 -3.57 -0.80
N ILE A 100 23.91 -2.47 -0.87
CA ILE A 100 24.60 -2.09 -2.09
C ILE A 100 25.58 -3.20 -2.52
N ASN A 101 26.33 -3.79 -1.55
CA ASN A 101 27.26 -4.89 -1.79
C ASN A 101 26.58 -6.06 -2.47
N ARG A 102 25.35 -6.42 -2.00
CA ARG A 102 24.54 -7.52 -2.54
C ARG A 102 24.10 -7.26 -3.96
N LEU A 103 23.61 -6.03 -4.23
CA LEU A 103 23.18 -5.57 -5.54
C LEU A 103 24.34 -5.62 -6.53
N MET A 104 25.56 -5.28 -6.10
CA MET A 104 26.75 -5.28 -6.95
C MET A 104 27.11 -6.72 -7.35
N GLU A 105 27.08 -7.63 -6.37
CA GLU A 105 27.34 -9.07 -6.53
C GLU A 105 26.31 -9.67 -7.50
N GLU A 106 25.01 -9.39 -7.29
CA GLU A 106 23.90 -9.90 -8.09
C GLU A 106 23.94 -9.45 -9.53
N ILE A 107 24.22 -8.14 -9.81
CA ILE A 107 24.36 -7.58 -11.15
C ILE A 107 25.56 -8.28 -11.85
N GLU A 108 26.74 -8.31 -11.20
CA GLU A 108 27.95 -8.95 -11.75
C GLU A 108 27.74 -10.42 -12.12
N MET A 109 26.92 -11.13 -11.31
CA MET A 109 26.61 -12.54 -11.49
C MET A 109 25.80 -12.81 -12.76
N SER A 110 25.01 -11.81 -13.20
CA SER A 110 24.13 -11.83 -14.39
C SER A 110 24.50 -10.74 -15.43
N LYS A 111 25.79 -10.36 -15.48
CA LYS A 111 26.32 -9.35 -16.39
C LYS A 111 26.00 -9.64 -17.87
N ASP A 112 25.94 -10.92 -18.25
CA ASP A 112 25.63 -11.37 -19.61
C ASP A 112 24.20 -11.02 -19.96
N LEU A 113 23.29 -11.11 -18.97
CA LEU A 113 21.86 -10.82 -19.08
C LEU A 113 21.58 -9.33 -18.97
N LEU A 114 22.31 -8.64 -18.08
CA LEU A 114 22.20 -7.20 -17.85
C LEU A 114 23.20 -6.46 -18.72
N HIS A 115 23.03 -6.61 -20.04
CA HIS A 115 23.91 -6.04 -21.06
C HIS A 115 23.64 -4.53 -21.34
N ASP A 116 24.41 -3.95 -22.28
CA ASP A 116 24.36 -2.53 -22.66
C ASP A 116 22.98 -1.98 -23.06
N LYS A 117 22.06 -2.84 -23.56
CA LYS A 117 20.71 -2.42 -23.95
C LYS A 117 19.63 -2.72 -22.88
N VAL A 118 20.06 -3.00 -21.64
CA VAL A 118 19.21 -3.22 -20.48
C VAL A 118 19.51 -2.07 -19.53
N ALA A 119 18.47 -1.37 -19.07
CA ALA A 119 18.55 -0.25 -18.13
C ALA A 119 18.10 -0.71 -16.75
N ILE A 120 18.94 -0.51 -15.71
CA ILE A 120 18.61 -0.79 -14.31
C ILE A 120 18.24 0.58 -13.69
N LEU A 121 17.03 0.67 -13.12
CA LEU A 121 16.47 1.88 -12.50
C LEU A 121 16.15 1.65 -11.02
N ILE A 122 16.86 2.35 -10.12
CA ILE A 122 16.60 2.27 -8.68
C ILE A 122 15.77 3.51 -8.34
N HIS A 123 14.57 3.32 -7.75
CA HIS A 123 13.72 4.46 -7.36
C HIS A 123 14.51 5.39 -6.39
N PRO A 124 14.47 6.73 -6.57
CA PRO A 124 15.24 7.62 -5.67
C PRO A 124 14.96 7.44 -4.17
N MET A 125 13.76 6.94 -3.86
CA MET A 125 13.30 6.78 -2.49
C MET A 125 13.49 5.38 -1.92
N ALA A 126 14.10 4.44 -2.70
CA ALA A 126 14.43 3.09 -2.24
C ALA A 126 15.44 3.22 -1.07
N THR A 127 15.35 2.33 -0.08
CA THR A 127 16.16 2.41 1.14
C THR A 127 17.47 1.62 1.04
N VAL A 128 18.56 2.29 1.42
CA VAL A 128 19.87 1.67 1.44
C VAL A 128 20.10 1.12 2.85
N LEU A 129 20.32 -0.20 2.91
CA LEU A 129 20.58 -0.89 4.16
C LEU A 129 21.98 -0.59 4.71
N ASP A 130 22.04 -0.11 5.96
CA ASP A 130 23.28 0.09 6.71
C ASP A 130 23.36 -1.24 7.47
N GLU A 131 24.11 -2.21 6.92
CA GLU A 131 24.19 -3.56 7.50
C GLU A 131 24.70 -3.59 8.94
N GLU A 132 25.65 -2.68 9.29
CA GLU A 132 26.15 -2.63 10.66
C GLU A 132 25.02 -2.26 11.65
N ALA A 133 24.42 -1.07 11.46
CA ALA A 133 23.36 -0.51 12.31
C ALA A 133 22.01 -1.24 12.27
N HIS A 134 21.48 -1.53 11.07
CA HIS A 134 20.15 -2.09 10.91
C HIS A 134 20.01 -3.54 11.40
N LYS A 135 21.03 -4.41 11.22
CA LYS A 135 20.98 -5.80 11.73
C LYS A 135 21.05 -5.85 13.26
N LYS A 136 21.87 -4.95 13.88
CA LYS A 136 22.05 -4.83 15.34
C LYS A 136 20.75 -4.44 16.06
N ALA A 137 19.91 -3.59 15.39
CA ALA A 137 18.62 -3.12 15.91
C ALA A 137 17.52 -4.19 15.87
N GLU A 138 17.73 -5.28 15.10
CA GLU A 138 16.76 -6.37 14.91
C GLU A 138 17.10 -7.64 15.69
N VAL A 139 18.19 -7.60 16.48
CA VAL A 139 18.69 -8.69 17.31
C VAL A 139 17.62 -9.21 18.30
N GLY A 140 16.84 -8.33 18.91
CA GLY A 140 15.79 -8.70 19.86
C GLY A 140 14.59 -9.44 19.31
N ILE A 141 14.08 -9.01 18.13
CA ILE A 141 12.90 -9.55 17.41
C ILE A 141 13.26 -10.84 16.67
N ALA A 142 14.57 -11.03 16.38
CA ALA A 142 15.12 -12.24 15.73
C ALA A 142 14.86 -13.47 16.62
N THR A 143 14.84 -13.28 17.95
CA THR A 143 14.54 -14.32 18.93
C THR A 143 13.04 -14.33 19.30
N SER A 144 12.53 -13.17 19.81
CA SER A 144 11.16 -12.96 20.31
C SER A 144 10.02 -13.29 19.31
N ILE A 145 10.11 -12.83 18.04
CA ILE A 145 9.07 -13.09 17.03
C ILE A 145 9.58 -14.01 15.89
N GLY A 146 10.79 -14.58 16.08
CA GLY A 146 11.44 -15.46 15.12
C GLY A 146 11.77 -14.75 13.82
N SER A 147 12.01 -13.42 13.89
CA SER A 147 12.34 -12.55 12.74
C SER A 147 13.64 -12.95 12.07
N THR A 148 13.78 -12.61 10.77
CA THR A 148 14.97 -12.90 9.98
C THR A 148 16.19 -12.08 10.50
N GLY A 149 15.91 -10.94 11.15
CA GLY A 149 16.91 -10.01 11.71
C GLY A 149 17.85 -9.38 10.68
N GLN A 150 17.36 -9.25 9.44
CA GLN A 150 18.13 -8.73 8.29
C GLN A 150 18.26 -7.18 8.24
N GLY A 151 17.53 -6.47 9.11
CA GLY A 151 17.58 -5.01 9.21
C GLY A 151 16.53 -4.24 8.47
N SER A 152 15.67 -4.96 7.70
CA SER A 152 14.58 -4.47 6.84
C SER A 152 13.71 -3.41 7.49
N MET A 153 13.14 -3.69 8.69
CA MET A 153 12.30 -2.77 9.45
C MET A 153 13.11 -1.60 10.02
N ALA A 154 14.32 -1.85 10.58
CA ALA A 154 15.17 -0.79 11.14
C ALA A 154 15.53 0.31 10.09
N ALA A 155 15.77 -0.13 8.83
CA ALA A 155 16.08 0.74 7.68
C ALA A 155 14.82 1.55 7.27
N MET A 156 13.67 0.86 7.24
CA MET A 156 12.33 1.36 6.95
C MET A 156 11.95 2.46 7.97
N VAL A 157 12.33 2.27 9.25
CA VAL A 157 12.03 3.19 10.34
C VAL A 157 12.83 4.46 10.17
N GLU A 158 14.12 4.33 9.79
CA GLU A 158 15.04 5.44 9.56
C GLU A 158 14.51 6.32 8.43
N LYS A 159 13.99 5.70 7.33
CA LYS A 159 13.37 6.40 6.19
C LYS A 159 12.19 7.25 6.67
N LEU A 160 11.28 6.63 7.47
CA LEU A 160 10.08 7.24 8.03
C LEU A 160 10.34 8.41 8.98
N GLN A 161 11.50 8.40 9.66
CA GLN A 161 11.91 9.48 10.59
C GLN A 161 12.00 10.85 9.91
N ARG A 162 12.30 10.88 8.59
CA ARG A 162 12.36 12.08 7.73
C ARG A 162 13.19 13.23 8.34
N ASP A 163 14.38 12.89 8.86
CA ASP A 163 15.33 13.85 9.41
C ASP A 163 16.02 14.55 8.23
N PRO A 164 15.78 15.87 7.97
CA PRO A 164 16.43 16.52 6.81
C PRO A 164 17.97 16.50 6.86
N THR A 165 18.54 16.33 8.05
CA THR A 165 19.98 16.23 8.30
C THR A 165 20.56 14.83 7.94
N ASN A 166 19.70 13.81 7.72
CA ASN A 166 20.09 12.46 7.35
C ASN A 166 20.10 12.23 5.82
N ASN A 167 21.31 12.18 5.25
CA ASN A 167 21.52 11.97 3.81
C ASN A 167 22.13 10.58 3.55
N THR A 168 21.80 9.58 4.41
CA THR A 168 22.42 8.25 4.29
C THR A 168 21.44 7.10 4.21
N ILE A 169 20.14 7.38 4.06
CA ILE A 169 19.19 6.29 4.05
C ILE A 169 18.51 6.08 2.66
N VAL A 170 18.08 7.15 1.95
CA VAL A 170 17.44 6.94 0.64
C VAL A 170 18.49 6.99 -0.48
N ALA A 171 18.30 6.16 -1.54
CA ALA A 171 19.18 5.98 -2.70
C ALA A 171 19.67 7.28 -3.34
N ARG A 172 18.75 8.25 -3.48
CA ARG A 172 18.98 9.59 -4.04
C ARG A 172 20.09 10.34 -3.26
N ASP A 173 20.12 10.20 -1.92
CA ASP A 173 21.11 10.86 -1.06
C ASP A 173 22.40 10.05 -0.97
N VAL A 174 22.29 8.73 -0.88
CA VAL A 174 23.45 7.84 -0.83
C VAL A 174 24.27 7.96 -2.14
N ALA A 175 23.59 8.11 -3.31
CA ALA A 175 24.23 8.30 -4.64
C ALA A 175 25.21 9.49 -4.69
N GLN A 176 24.99 10.52 -3.85
CA GLN A 176 25.85 11.71 -3.76
C GLN A 176 27.26 11.36 -3.22
N TYR A 177 27.42 10.25 -2.46
CA TYR A 177 28.73 9.86 -1.96
C TYR A 177 29.11 8.42 -2.35
N ASP A 178 28.15 7.60 -2.78
CA ASP A 178 28.39 6.21 -3.21
C ASP A 178 28.08 6.07 -4.71
N GLY A 179 29.11 6.21 -5.51
CA GLY A 179 29.01 6.16 -6.95
C GLY A 179 28.70 4.80 -7.54
N ARG A 180 28.61 3.75 -6.70
CA ARG A 180 28.32 2.40 -7.22
C ARG A 180 26.86 2.29 -7.72
N ILE A 181 25.95 3.07 -7.11
CA ILE A 181 24.53 3.06 -7.43
C ILE A 181 24.08 4.30 -8.20
N ALA A 182 24.92 5.35 -8.24
CA ALA A 182 24.66 6.65 -8.88
C ALA A 182 24.05 6.60 -10.32
N GLN A 183 24.58 5.71 -11.20
CA GLN A 183 24.16 5.55 -12.59
C GLN A 183 22.71 5.01 -12.68
N TYR A 184 22.34 4.12 -11.74
CA TYR A 184 21.04 3.46 -11.64
C TYR A 184 19.97 4.33 -11.00
N VAL A 185 20.31 5.18 -10.01
CA VAL A 185 19.34 6.01 -9.29
C VAL A 185 18.72 6.99 -10.27
N CYS A 186 17.40 6.91 -10.44
CA CYS A 186 16.68 7.76 -11.39
C CYS A 186 15.87 8.82 -10.65
N THR A 187 15.04 9.59 -11.37
CA THR A 187 14.13 10.56 -10.77
C THR A 187 12.74 9.88 -10.71
N VAL A 188 11.77 10.53 -10.03
CA VAL A 188 10.41 10.03 -9.95
C VAL A 188 9.79 10.03 -11.38
N GLU A 189 9.98 11.11 -12.16
CA GLU A 189 9.48 11.25 -13.53
C GLU A 189 10.06 10.20 -14.48
N GLU A 190 11.35 9.86 -14.35
CA GLU A 190 12.03 8.81 -15.14
C GLU A 190 11.34 7.45 -14.85
N TRP A 191 10.98 7.20 -13.56
CA TRP A 191 10.30 6.01 -13.06
C TRP A 191 8.94 5.85 -13.72
N ASP A 192 8.12 6.92 -13.71
CA ASP A 192 6.78 6.98 -14.31
C ASP A 192 6.83 6.76 -15.82
N MET A 193 7.85 7.34 -16.48
CA MET A 193 8.07 7.27 -17.91
C MET A 193 8.48 5.90 -18.37
N ALA A 194 9.26 5.19 -17.54
CA ALA A 194 9.74 3.83 -17.84
C ALA A 194 8.55 2.85 -17.82
N LEU A 195 7.59 3.05 -16.88
CA LEU A 195 6.40 2.23 -16.79
C LEU A 195 5.50 2.51 -17.97
N MET A 196 5.38 3.79 -18.33
CA MET A 196 4.60 4.23 -19.49
C MET A 196 5.13 3.67 -20.82
N ALA A 197 6.45 3.60 -20.98
CA ALA A 197 7.15 3.07 -22.15
C ALA A 197 7.05 1.57 -22.27
N SER A 198 7.02 0.86 -21.13
CA SER A 198 6.95 -0.61 -21.08
C SER A 198 5.79 -1.22 -21.89
N GLU A 199 6.08 -2.32 -22.59
CA GLU A 199 5.10 -3.05 -23.40
C GLU A 199 4.36 -4.10 -22.52
N ARG A 200 5.12 -4.89 -21.76
CA ARG A 200 4.65 -5.94 -20.87
C ARG A 200 5.58 -6.01 -19.65
N ILE A 201 4.98 -5.98 -18.45
CA ILE A 201 5.66 -5.91 -17.16
C ILE A 201 5.41 -7.12 -16.24
N LEU A 202 6.50 -7.66 -15.65
CA LEU A 202 6.45 -8.72 -14.64
C LEU A 202 6.80 -8.11 -13.29
N ALA A 203 5.80 -8.05 -12.39
CA ALA A 203 5.94 -7.52 -11.04
C ALA A 203 6.04 -8.67 -10.08
N GLU A 204 7.06 -8.64 -9.21
CA GLU A 204 7.28 -9.73 -8.26
C GLU A 204 7.08 -9.28 -6.82
N GLY A 205 6.14 -9.91 -6.13
CA GLY A 205 5.88 -9.69 -4.71
C GLY A 205 6.87 -10.47 -3.85
N ALA A 206 6.85 -10.22 -2.54
CA ALA A 206 7.76 -10.92 -1.61
C ALA A 206 6.98 -11.43 -0.37
N GLN A 207 7.67 -12.18 0.49
CA GLN A 207 7.11 -12.78 1.72
C GLN A 207 5.82 -13.56 1.39
N GLY A 208 4.72 -13.33 2.08
CA GLY A 208 3.49 -14.08 1.83
C GLY A 208 2.30 -13.49 2.53
N PHE A 209 1.09 -13.76 2.01
CA PHE A 209 -0.17 -13.20 2.48
C PHE A 209 -0.35 -13.23 4.02
N SER A 210 -0.20 -14.42 4.63
CA SER A 210 -0.39 -14.61 6.06
C SER A 210 0.68 -13.95 6.91
N LEU A 211 1.82 -13.52 6.30
CA LEU A 211 2.89 -12.81 7.02
C LEU A 211 2.59 -11.31 7.17
N SER A 212 1.50 -10.81 6.47
CA SER A 212 1.11 -9.40 6.49
C SER A 212 1.05 -8.82 7.87
N LEU A 213 1.53 -7.58 8.00
CA LEU A 213 1.52 -6.82 9.25
C LEU A 213 0.07 -6.67 9.77
N ASN A 214 -0.90 -6.68 8.87
CA ASN A 214 -2.32 -6.50 9.25
C ASN A 214 -3.18 -7.77 9.18
N GLN A 215 -2.54 -8.93 9.10
CA GLN A 215 -3.25 -10.19 9.22
C GLN A 215 -3.24 -10.65 10.72
N GLU A 216 -4.05 -11.66 11.08
CA GLU A 216 -4.33 -12.08 12.46
C GLU A 216 -3.13 -12.50 13.36
N PHE A 217 -1.96 -12.83 12.82
CA PHE A 217 -0.83 -13.33 13.64
C PHE A 217 0.03 -12.23 14.28
N TYR A 218 -0.25 -10.93 14.04
CA TYR A 218 0.50 -9.80 14.62
C TYR A 218 0.73 -10.01 16.15
N PRO A 219 1.95 -9.80 16.72
CA PRO A 219 3.20 -9.29 16.11
C PRO A 219 4.08 -10.31 15.38
N TYR A 220 3.62 -11.55 15.21
CA TYR A 220 4.39 -12.64 14.56
C TYR A 220 4.13 -12.57 13.04
N CYS A 221 4.61 -11.47 12.43
CA CYS A 221 4.36 -11.09 11.04
C CYS A 221 5.53 -10.21 10.56
N THR A 222 5.50 -9.76 9.31
CA THR A 222 6.54 -8.90 8.75
C THR A 222 6.15 -7.42 8.92
N SER A 223 6.98 -6.45 8.44
CA SER A 223 6.79 -5.01 8.62
C SER A 223 5.86 -4.29 7.59
N ARG A 224 5.24 -5.03 6.68
CA ARG A 224 4.29 -4.47 5.71
C ARG A 224 3.22 -5.50 5.34
N ASP A 225 2.19 -5.06 4.61
CA ASP A 225 1.15 -5.94 4.07
C ASP A 225 1.68 -6.63 2.84
N CYS A 226 1.41 -7.92 2.70
CA CYS A 226 1.88 -8.70 1.56
C CYS A 226 0.67 -9.04 0.69
N THR A 227 0.08 -7.97 0.15
CA THR A 227 -1.12 -8.04 -0.67
C THR A 227 -0.88 -7.34 -2.00
N PRO A 228 -1.65 -7.68 -3.08
CA PRO A 228 -1.48 -6.97 -4.37
C PRO A 228 -1.49 -5.45 -4.28
N ALA A 229 -2.43 -4.86 -3.51
CA ALA A 229 -2.52 -3.40 -3.35
C ALA A 229 -1.26 -2.79 -2.75
N ARG A 230 -0.67 -3.40 -1.72
CA ARG A 230 0.57 -2.90 -1.11
C ARG A 230 1.78 -3.04 -2.06
N PHE A 231 1.89 -4.17 -2.79
CA PHE A 231 2.98 -4.37 -3.76
C PHE A 231 2.94 -3.37 -4.89
N LEU A 232 1.75 -3.10 -5.46
CA LEU A 232 1.63 -2.11 -6.53
C LEU A 232 2.02 -0.73 -6.01
N ALA A 233 1.54 -0.36 -4.79
CA ALA A 233 1.87 0.88 -4.11
C ALA A 233 3.42 1.03 -3.88
N ASP A 234 4.07 -0.04 -3.40
CA ASP A 234 5.53 -0.08 -3.14
C ASP A 234 6.40 -0.05 -4.40
N MET A 235 5.80 -0.38 -5.56
CA MET A 235 6.46 -0.39 -6.86
C MET A 235 6.02 0.84 -7.70
N GLY A 236 5.09 1.63 -7.16
CA GLY A 236 4.58 2.83 -7.81
C GLY A 236 3.84 2.54 -9.10
N ILE A 237 3.09 1.41 -9.15
CA ILE A 237 2.33 0.98 -10.31
C ILE A 237 0.86 1.46 -10.24
N PRO A 238 0.39 2.29 -11.22
CA PRO A 238 -1.04 2.68 -11.23
C PRO A 238 -1.94 1.44 -11.34
N LEU A 239 -3.09 1.44 -10.63
CA LEU A 239 -4.01 0.30 -10.60
C LEU A 239 -4.56 -0.09 -11.97
N PRO A 240 -4.91 0.85 -12.93
CA PRO A 240 -5.40 0.42 -14.25
C PRO A 240 -4.40 -0.40 -15.06
N MET A 241 -3.12 -0.40 -14.64
CA MET A 241 -2.04 -1.13 -15.29
C MET A 241 -2.05 -2.64 -15.02
N LEU A 242 -2.70 -3.06 -13.92
CA LEU A 242 -2.78 -4.46 -13.53
C LEU A 242 -3.60 -5.27 -14.53
N ASN A 243 -3.00 -6.34 -15.02
CA ASN A 243 -3.59 -7.26 -15.99
C ASN A 243 -4.04 -8.56 -15.34
N LYS A 244 -3.14 -9.18 -14.57
CA LYS A 244 -3.33 -10.51 -14.04
C LYS A 244 -2.53 -10.66 -12.75
N VAL A 245 -3.08 -11.40 -11.78
CA VAL A 245 -2.42 -11.74 -10.51
C VAL A 245 -2.25 -13.26 -10.50
N ILE A 246 -0.99 -13.73 -10.33
CA ILE A 246 -0.62 -15.14 -10.25
C ILE A 246 -0.23 -15.38 -8.81
N GLY A 247 -1.07 -16.14 -8.11
CA GLY A 247 -0.87 -16.53 -6.72
C GLY A 247 -0.11 -17.84 -6.63
N THR A 248 0.74 -17.98 -5.61
CA THR A 248 1.54 -19.18 -5.40
C THR A 248 1.23 -19.87 -4.08
N ALA A 249 1.24 -21.20 -4.09
CA ALA A 249 0.98 -21.98 -2.90
C ALA A 249 1.74 -23.30 -2.91
N ARG A 250 1.88 -23.92 -1.73
CA ARG A 250 2.47 -25.21 -1.43
C ARG A 250 1.36 -26.10 -0.90
N CYS A 251 1.49 -27.40 -1.15
CA CYS A 251 0.59 -28.44 -0.66
C CYS A 251 0.67 -28.55 0.88
N HIS A 252 1.86 -28.26 1.45
CA HIS A 252 2.13 -28.22 2.88
C HIS A 252 2.78 -26.88 3.16
N PRO A 253 1.98 -25.87 3.59
CA PRO A 253 2.59 -24.55 3.87
C PRO A 253 3.67 -24.65 4.96
N ILE A 254 4.72 -23.85 4.80
CA ILE A 254 5.80 -23.77 5.77
C ILE A 254 5.75 -22.36 6.39
N ARG A 255 6.50 -22.17 7.47
CA ARG A 255 6.71 -20.95 8.30
C ARG A 255 8.17 -21.05 8.73
N VAL A 256 8.86 -19.93 8.83
CA VAL A 256 10.27 -19.94 9.16
C VAL A 256 10.56 -19.98 10.68
N GLY A 257 11.24 -21.10 11.07
CA GLY A 257 11.68 -21.59 12.38
C GLY A 257 11.87 -20.71 13.60
N GLY A 258 11.69 -21.34 14.76
CA GLY A 258 11.76 -20.67 16.06
C GLY A 258 10.37 -20.28 16.55
N THR A 259 10.30 -19.19 17.34
CA THR A 259 9.03 -18.67 17.87
C THR A 259 8.39 -17.73 16.82
N SER A 260 8.24 -18.26 15.57
CA SER A 260 7.74 -17.59 14.38
C SER A 260 6.24 -17.22 14.38
N GLY A 261 5.43 -17.88 15.20
CA GLY A 261 4.00 -17.59 15.28
C GLY A 261 3.05 -18.77 15.13
N GLY A 262 1.75 -18.52 15.27
CA GLY A 262 0.72 -19.57 15.20
C GLY A 262 0.27 -19.97 13.80
N HIS A 263 -0.78 -20.79 13.75
CA HIS A 263 -1.36 -21.26 12.51
C HIS A 263 -2.87 -21.13 12.53
N TYR A 264 -3.55 -21.56 11.46
CA TYR A 264 -4.99 -21.51 11.31
C TYR A 264 -5.67 -22.66 12.06
N PRO A 265 -6.97 -22.51 12.49
CA PRO A 265 -7.63 -23.61 13.25
C PRO A 265 -7.77 -24.95 12.55
N ASP A 266 -7.79 -24.99 11.21
CA ASP A 266 -7.97 -26.23 10.42
C ASP A 266 -6.65 -26.85 9.92
N GLN A 267 -5.54 -26.41 10.50
CA GLN A 267 -4.26 -26.97 10.08
C GLN A 267 -3.46 -27.42 11.28
N GLU A 268 -2.55 -28.35 11.06
CA GLU A 268 -1.72 -28.92 12.11
C GLU A 268 -0.26 -28.94 11.70
N GLU A 269 0.62 -28.84 12.70
CA GLU A 269 2.05 -28.88 12.46
C GLU A 269 2.50 -30.32 12.21
N LEU A 270 3.29 -30.50 11.17
CA LEU A 270 3.80 -31.81 10.77
C LEU A 270 5.31 -31.84 10.97
N THR A 271 5.95 -32.93 10.56
CA THR A 271 7.40 -33.09 10.59
C THR A 271 7.82 -33.51 9.18
N TRP A 272 9.05 -33.17 8.80
CA TRP A 272 9.63 -33.56 7.54
C TRP A 272 9.71 -35.09 7.43
N GLU A 273 9.85 -35.77 8.57
CA GLU A 273 9.85 -37.24 8.75
C GLU A 273 8.51 -37.84 8.28
N GLN A 274 7.37 -37.29 8.75
CA GLN A 274 6.00 -37.73 8.38
C GLN A 274 5.81 -37.69 6.85
N LEU A 275 6.43 -36.70 6.21
CA LEU A 275 6.38 -36.44 4.77
C LEU A 275 7.38 -37.24 3.98
N GLY A 276 8.32 -37.85 4.69
CA GLY A 276 9.41 -38.63 4.08
C GLY A 276 10.40 -37.75 3.31
N GLN A 277 10.58 -36.50 3.76
CA GLN A 277 11.49 -35.55 3.12
C GLN A 277 12.64 -35.15 4.02
N VAL A 278 13.74 -34.72 3.40
CA VAL A 278 14.94 -34.19 4.06
C VAL A 278 14.51 -32.82 4.64
N PRO A 279 14.76 -32.55 5.94
CA PRO A 279 14.34 -31.26 6.52
C PRO A 279 14.82 -30.02 5.76
N GLU A 280 13.88 -29.10 5.43
CA GLU A 280 14.14 -27.86 4.72
C GLU A 280 14.69 -26.80 5.64
N LEU A 281 15.77 -26.13 5.20
CA LEU A 281 16.42 -25.08 5.99
C LEU A 281 16.56 -23.78 5.21
N THR A 282 16.54 -22.65 5.93
CA THR A 282 16.77 -21.32 5.35
C THR A 282 18.22 -21.28 4.81
N THR A 283 18.44 -20.50 3.73
CA THR A 283 19.71 -20.44 3.02
C THR A 283 20.92 -20.02 3.89
N VAL A 284 20.87 -18.88 4.57
CA VAL A 284 22.00 -18.36 5.33
C VAL A 284 21.89 -18.64 6.83
N THR A 285 20.72 -18.38 7.42
CA THR A 285 20.49 -18.56 8.88
C THR A 285 20.44 -20.03 9.31
N LYS A 286 20.28 -20.96 8.33
CA LYS A 286 20.18 -22.44 8.46
C LYS A 286 19.10 -22.88 9.46
N LYS A 287 18.05 -22.03 9.62
CA LYS A 287 16.91 -22.26 10.49
C LYS A 287 16.01 -23.29 9.80
N VAL A 288 15.68 -24.38 10.52
CA VAL A 288 14.77 -25.41 10.01
C VAL A 288 13.39 -24.78 9.82
N ARG A 289 12.75 -25.12 8.71
CA ARG A 289 11.43 -24.64 8.37
C ARG A 289 10.38 -25.50 9.05
N ARG A 290 9.36 -24.86 9.59
CA ARG A 290 8.24 -25.58 10.21
C ARG A 290 7.25 -25.87 9.10
N VAL A 291 6.73 -27.10 9.05
CA VAL A 291 5.83 -27.52 7.99
C VAL A 291 4.44 -27.88 8.56
N PHE A 292 3.39 -27.45 7.84
CA PHE A 292 1.99 -27.62 8.27
C PHE A 292 1.14 -28.25 7.18
N SER A 293 -0.03 -28.77 7.56
CA SER A 293 -0.95 -29.36 6.60
C SER A 293 -1.59 -28.21 5.83
N PHE A 294 -2.22 -28.51 4.67
CA PHE A 294 -2.90 -27.49 3.90
C PHE A 294 -4.08 -26.91 4.70
N SER A 295 -4.25 -25.58 4.69
CA SER A 295 -5.33 -24.92 5.37
C SER A 295 -6.30 -24.28 4.36
N PHE A 296 -7.55 -24.75 4.36
CA PHE A 296 -8.60 -24.22 3.50
C PHE A 296 -9.01 -22.83 4.01
N ILE A 297 -8.94 -22.58 5.35
CA ILE A 297 -9.23 -21.27 5.95
C ILE A 297 -8.25 -20.26 5.39
N GLN A 298 -6.94 -20.64 5.35
CA GLN A 298 -5.88 -19.81 4.81
C GLN A 298 -6.17 -19.44 3.36
N MET A 299 -6.60 -20.39 2.54
CA MET A 299 -6.93 -20.13 1.14
C MET A 299 -8.08 -19.19 0.96
N GLN A 300 -9.19 -19.37 1.69
CA GLN A 300 -10.36 -18.48 1.62
C GLN A 300 -9.98 -17.05 1.90
N LYS A 301 -9.21 -16.83 2.98
CA LYS A 301 -8.67 -15.55 3.41
C LYS A 301 -7.78 -14.91 2.35
N ALA A 302 -6.81 -15.68 1.81
CA ALA A 302 -5.88 -15.24 0.78
C ALA A 302 -6.59 -14.93 -0.54
N MET A 303 -7.58 -15.76 -0.91
CA MET A 303 -8.40 -15.59 -2.13
C MET A 303 -9.22 -14.32 -2.02
N TRP A 304 -9.82 -14.05 -0.83
CA TRP A 304 -10.64 -12.87 -0.63
C TRP A 304 -9.86 -11.58 -0.93
N THR A 305 -8.72 -11.38 -0.24
CA THR A 305 -7.90 -10.17 -0.37
C THR A 305 -7.07 -10.17 -1.66
N CYS A 306 -6.28 -11.22 -1.90
CA CYS A 306 -5.37 -11.27 -3.05
C CYS A 306 -6.04 -11.47 -4.39
N GLN A 307 -7.26 -12.06 -4.42
CA GLN A 307 -8.04 -12.30 -5.65
C GLN A 307 -7.19 -12.74 -6.88
N PRO A 308 -6.44 -13.86 -6.84
CA PRO A 308 -5.61 -14.21 -8.00
C PRO A 308 -6.43 -14.71 -9.18
N ASP A 309 -5.91 -14.50 -10.37
CA ASP A 309 -6.53 -14.91 -11.62
C ASP A 309 -6.06 -16.32 -11.94
N GLU A 310 -4.79 -16.61 -11.62
CA GLU A 310 -4.13 -17.89 -11.86
C GLU A 310 -3.38 -18.33 -10.62
N VAL A 311 -3.28 -19.64 -10.42
CA VAL A 311 -2.58 -20.21 -9.27
C VAL A 311 -1.49 -21.20 -9.72
N PHE A 312 -0.33 -21.13 -9.04
CA PHE A 312 0.78 -22.05 -9.17
C PHE A 312 0.81 -22.88 -7.87
N LEU A 313 0.46 -24.16 -7.97
CA LEU A 313 0.52 -25.07 -6.83
C LEU A 313 1.84 -25.84 -6.90
N ASN A 314 2.73 -25.53 -5.96
CA ASN A 314 4.09 -26.08 -5.87
C ASN A 314 4.24 -27.10 -4.74
N PHE A 315 5.31 -27.91 -4.89
CA PHE A 315 5.73 -28.99 -4.00
C PHE A 315 4.74 -30.13 -4.02
N CYS A 316 4.15 -30.40 -5.23
CA CYS A 316 3.22 -31.52 -5.49
C CYS A 316 4.03 -32.82 -5.42
N ASN A 317 5.37 -32.70 -5.52
CA ASN A 317 6.35 -33.79 -5.44
C ASN A 317 6.42 -34.42 -4.03
N TYR A 318 5.83 -33.76 -3.01
CA TYR A 318 5.79 -34.25 -1.62
C TYR A 318 4.54 -35.09 -1.36
N LEU A 319 3.61 -35.15 -2.35
CA LEU A 319 2.34 -35.88 -2.27
C LEU A 319 2.17 -36.86 -3.42
N SER A 320 1.14 -37.69 -3.31
CA SER A 320 0.74 -38.68 -4.32
C SER A 320 -0.28 -37.97 -5.24
N PRO A 321 -0.50 -38.46 -6.50
CA PRO A 321 -1.45 -37.79 -7.41
C PRO A 321 -2.81 -37.42 -6.82
N MET A 322 -3.45 -38.31 -6.06
CA MET A 322 -4.75 -38.02 -5.47
C MET A 322 -4.68 -36.89 -4.45
N GLY A 323 -3.56 -36.82 -3.71
CA GLY A 323 -3.31 -35.80 -2.71
C GLY A 323 -3.20 -34.42 -3.30
N TRP A 324 -2.33 -34.24 -4.33
CA TRP A 324 -2.17 -32.92 -4.95
C TRP A 324 -3.36 -32.54 -5.84
N GLN A 325 -4.04 -33.54 -6.46
CA GLN A 325 -5.25 -33.29 -7.28
C GLN A 325 -6.39 -32.80 -6.39
N ASP A 326 -6.51 -33.35 -5.17
CA ASP A 326 -7.54 -32.95 -4.21
C ASP A 326 -7.33 -31.52 -3.75
N ILE A 327 -6.07 -31.09 -3.51
CA ILE A 327 -5.71 -29.71 -3.12
C ILE A 327 -6.06 -28.72 -4.25
N VAL A 328 -5.85 -29.11 -5.52
CA VAL A 328 -6.22 -28.31 -6.71
C VAL A 328 -7.73 -27.94 -6.61
N HIS A 329 -8.60 -28.94 -6.34
CA HIS A 329 -10.06 -28.74 -6.22
C HIS A 329 -10.46 -27.91 -5.02
N GLN A 330 -9.73 -28.06 -3.90
CA GLN A 330 -9.95 -27.28 -2.70
C GLN A 330 -9.71 -25.81 -2.96
N ILE A 331 -8.58 -25.49 -3.61
CA ILE A 331 -8.15 -24.14 -3.96
C ILE A 331 -9.18 -23.44 -4.85
N GLU A 332 -9.69 -24.15 -5.89
CA GLU A 332 -10.64 -23.58 -6.82
C GLU A 332 -11.99 -23.32 -6.20
N VAL A 333 -12.41 -24.18 -5.25
CA VAL A 333 -13.66 -24.02 -4.50
C VAL A 333 -13.50 -22.87 -3.47
N ALA A 334 -12.30 -22.73 -2.85
CA ALA A 334 -11.95 -21.64 -1.92
C ALA A 334 -12.06 -20.31 -2.67
N ALA A 335 -11.52 -20.24 -3.90
CA ALA A 335 -11.57 -19.07 -4.77
C ALA A 335 -13.02 -18.68 -5.01
N GLN A 336 -13.83 -19.60 -5.57
CA GLN A 336 -15.24 -19.37 -5.89
C GLN A 336 -16.05 -18.87 -4.69
N SER A 337 -15.74 -19.39 -3.50
CA SER A 337 -16.40 -19.02 -2.25
C SER A 337 -16.16 -17.56 -1.84
N ARG A 338 -15.09 -16.93 -2.39
CA ARG A 338 -14.72 -15.55 -2.07
C ARG A 338 -14.76 -14.64 -3.31
N TYR A 339 -15.69 -14.95 -4.24
CA TYR A 339 -15.99 -14.24 -5.49
C TYR A 339 -14.81 -14.18 -6.47
N CYS A 340 -13.94 -15.17 -6.38
CA CYS A 340 -12.70 -15.26 -7.15
C CYS A 340 -12.73 -16.37 -8.21
N ASP A 341 -12.40 -16.03 -9.46
CA ASP A 341 -12.40 -17.04 -10.51
C ASP A 341 -10.97 -17.60 -10.79
N ALA A 342 -10.21 -17.86 -9.72
CA ALA A 342 -8.84 -18.37 -9.82
C ALA A 342 -8.82 -19.77 -10.40
N GLU A 343 -7.91 -19.97 -11.34
CA GLU A 343 -7.70 -21.24 -12.04
C GLU A 343 -6.30 -21.71 -11.65
N VAL A 344 -6.17 -22.94 -11.15
CA VAL A 344 -4.85 -23.50 -10.86
C VAL A 344 -4.36 -23.91 -12.23
N LYS A 345 -3.46 -23.11 -12.82
CA LYS A 345 -2.94 -23.31 -14.16
C LYS A 345 -1.61 -24.06 -14.17
N TYR A 346 -0.77 -23.88 -13.13
CA TYR A 346 0.57 -24.48 -13.07
C TYR A 346 0.75 -25.36 -11.86
N LEU A 347 1.52 -26.46 -12.02
CA LEU A 347 1.83 -27.44 -10.97
C LEU A 347 3.34 -27.65 -10.91
N GLY A 348 3.89 -27.56 -9.70
CA GLY A 348 5.32 -27.66 -9.44
C GLY A 348 5.73 -28.97 -8.84
N PHE A 349 6.60 -29.69 -9.55
CA PHE A 349 7.10 -31.00 -9.15
C PHE A 349 8.63 -31.04 -8.87
N GLY A 350 9.26 -29.88 -8.75
CA GLY A 350 10.69 -29.74 -8.47
C GLY A 350 11.13 -28.28 -8.50
N PRO A 351 12.43 -28.00 -8.25
CA PRO A 351 12.90 -26.59 -8.21
C PRO A 351 13.31 -25.91 -9.52
N THR A 352 13.19 -26.63 -10.62
CA THR A 352 13.67 -26.27 -11.96
C THR A 352 12.55 -25.92 -12.95
N PHE A 353 12.90 -25.15 -14.02
CA PHE A 353 12.00 -24.79 -15.11
C PHE A 353 11.27 -26.06 -15.65
N ASN A 354 12.02 -27.15 -15.87
CA ASN A 354 11.49 -28.41 -16.39
C ASN A 354 10.48 -29.12 -15.51
N ASP A 355 10.38 -28.71 -14.25
CA ASP A 355 9.48 -29.28 -13.25
C ASP A 355 8.14 -28.57 -13.16
N VAL A 356 7.99 -27.46 -13.88
CA VAL A 356 6.74 -26.71 -13.92
C VAL A 356 5.93 -27.33 -15.05
N GLU A 357 4.76 -27.85 -14.68
CA GLU A 357 3.81 -28.50 -15.58
C GLU A 357 2.56 -27.67 -15.72
N LEU A 358 1.89 -27.76 -16.90
CA LEU A 358 0.57 -27.20 -17.12
C LEU A 358 -0.40 -28.20 -16.52
N ARG A 359 -1.32 -27.69 -15.63
CA ARG A 359 -2.34 -28.47 -14.94
C ARG A 359 -3.10 -29.38 -15.91
N GLU A 360 -3.67 -28.78 -17.00
CA GLU A 360 -4.45 -29.44 -18.05
C GLU A 360 -3.75 -30.65 -18.66
N ASP A 361 -2.38 -30.72 -18.55
CA ASP A 361 -1.56 -31.82 -19.06
C ASP A 361 -1.36 -32.98 -18.09
N VAL A 362 -1.41 -32.72 -16.75
CA VAL A 362 -1.15 -33.77 -15.75
C VAL A 362 -2.41 -34.26 -15.02
N MET A 363 -3.55 -33.55 -15.17
CA MET A 363 -4.86 -33.92 -14.58
C MET A 363 -6.06 -33.32 -15.36
N MET B 21 -19.22 -7.10 -7.75
CA MET B 21 -18.25 -6.88 -6.66
C MET B 21 -17.66 -5.47 -6.62
N GLU B 22 -17.68 -4.73 -7.75
CA GLU B 22 -17.16 -3.36 -7.87
C GLU B 22 -18.13 -2.37 -7.23
N ASN B 23 -17.92 -2.04 -5.97
CA ASN B 23 -18.87 -1.17 -5.26
C ASN B 23 -18.20 -0.11 -4.40
N VAL B 24 -16.88 0.02 -4.52
CA VAL B 24 -16.10 1.00 -3.75
C VAL B 24 -15.85 2.27 -4.56
N ASP B 25 -16.27 3.43 -4.02
CA ASP B 25 -16.01 4.75 -4.56
C ASP B 25 -14.96 5.34 -3.61
N LEU B 26 -13.76 5.62 -4.14
CA LEU B 26 -12.63 6.11 -3.36
C LEU B 26 -12.34 7.58 -3.60
N VAL B 27 -12.29 8.36 -2.51
CA VAL B 27 -12.01 9.79 -2.51
C VAL B 27 -10.54 10.03 -2.19
N ILE B 28 -9.81 10.71 -3.12
CA ILE B 28 -8.38 11.00 -2.94
C ILE B 28 -8.04 12.46 -3.33
N ASP B 29 -7.00 13.04 -2.69
CA ASP B 29 -6.49 14.39 -2.92
C ASP B 29 -5.33 14.40 -3.95
N LEU B 30 -5.53 15.11 -5.08
CA LEU B 30 -4.55 15.21 -6.18
C LEU B 30 -3.39 16.20 -5.96
N GLN B 31 -3.35 16.96 -4.84
CA GLN B 31 -2.29 17.95 -4.66
C GLN B 31 -1.53 17.79 -3.31
N PHE B 32 -1.50 18.83 -2.44
CA PHE B 32 -0.78 18.75 -1.16
C PHE B 32 -1.72 18.65 0.06
N GLY B 33 -2.92 18.11 -0.15
CA GLY B 33 -3.89 18.00 0.93
C GLY B 33 -4.74 19.23 1.08
N SER B 34 -5.77 19.11 1.96
CA SER B 34 -6.75 20.15 2.28
C SER B 34 -7.40 20.80 1.03
N THR B 35 -7.91 19.96 0.10
CA THR B 35 -8.57 20.46 -1.12
C THR B 35 -10.11 20.40 -1.09
N GLY B 36 -10.68 19.67 -0.11
CA GLY B 36 -12.12 19.50 0.07
C GLY B 36 -12.57 18.05 0.03
N LYS B 37 -11.72 17.12 0.50
CA LYS B 37 -12.08 15.68 0.56
C LYS B 37 -13.29 15.47 1.48
N GLY B 38 -13.29 16.18 2.62
CA GLY B 38 -14.39 16.13 3.59
C GLY B 38 -15.72 16.52 2.97
N LEU B 39 -15.73 17.62 2.21
CA LEU B 39 -16.90 18.16 1.51
C LEU B 39 -17.49 17.23 0.45
N ILE B 40 -16.67 16.71 -0.45
CA ILE B 40 -17.20 15.82 -1.48
C ILE B 40 -17.66 14.48 -0.87
N ALA B 41 -16.99 14.00 0.22
CA ALA B 41 -17.37 12.76 0.90
C ALA B 41 -18.75 12.87 1.50
N GLY B 42 -19.05 14.01 2.14
CA GLY B 42 -20.35 14.26 2.73
C GLY B 42 -21.42 14.38 1.67
N TYR B 43 -21.09 15.12 0.58
CA TYR B 43 -21.94 15.35 -0.59
C TYR B 43 -22.34 14.03 -1.26
N LEU B 44 -21.33 13.18 -1.58
CA LEU B 44 -21.54 11.89 -2.22
C LEU B 44 -22.34 10.94 -1.33
N ALA B 45 -22.06 10.95 0.01
CA ALA B 45 -22.77 10.16 1.02
C ALA B 45 -24.28 10.50 1.02
N GLU B 46 -24.62 11.81 0.96
CA GLU B 46 -26.01 12.26 0.91
C GLU B 46 -26.72 11.94 -0.39
N LYS B 47 -26.00 11.99 -1.52
CA LYS B 47 -26.53 11.72 -2.87
C LYS B 47 -26.65 10.22 -3.19
N ASN B 48 -25.61 9.41 -2.89
CA ASN B 48 -25.53 7.99 -3.24
C ASN B 48 -25.96 7.00 -2.15
N GLY B 49 -26.11 7.48 -0.90
CA GLY B 49 -26.57 6.71 0.25
C GLY B 49 -25.89 5.38 0.50
N TYR B 50 -24.55 5.39 0.55
CA TYR B 50 -23.69 4.23 0.84
C TYR B 50 -24.08 3.59 2.20
N ASP B 51 -24.08 2.24 2.28
CA ASP B 51 -24.38 1.59 3.56
C ASP B 51 -23.10 1.45 4.44
N THR B 52 -21.90 1.47 3.79
CA THR B 52 -20.60 1.35 4.46
C THR B 52 -19.72 2.54 4.16
N VAL B 53 -19.10 3.11 5.20
CA VAL B 53 -18.14 4.21 5.05
C VAL B 53 -16.83 3.78 5.69
N ILE B 54 -15.74 3.92 4.96
CA ILE B 54 -14.47 3.41 5.48
C ILE B 54 -13.33 4.42 5.29
N ASN B 55 -12.36 4.42 6.22
CA ASN B 55 -11.19 5.27 6.14
C ASN B 55 -9.95 4.63 6.83
N ALA B 56 -8.82 5.36 6.88
CA ALA B 56 -7.56 4.97 7.54
C ALA B 56 -6.77 6.24 7.84
N ASN B 57 -7.40 7.16 8.60
CA ASN B 57 -6.80 8.46 8.93
C ASN B 57 -5.76 8.38 10.04
N MET B 58 -4.80 9.31 10.01
CA MET B 58 -3.80 9.50 11.06
C MET B 58 -4.12 10.88 11.67
N PRO B 59 -3.63 11.22 12.91
CA PRO B 59 -4.05 12.49 13.56
C PRO B 59 -3.55 13.80 12.94
N ASN B 60 -2.66 13.69 11.93
CA ASN B 60 -2.07 14.81 11.20
C ASN B 60 -3.05 15.49 10.23
N ALA B 61 -4.25 14.90 10.03
CA ALA B 61 -5.28 15.41 9.14
C ALA B 61 -6.66 15.54 9.79
N GLY B 62 -7.36 16.61 9.44
CA GLY B 62 -8.72 16.96 9.84
C GLY B 62 -9.54 17.30 8.60
N HIS B 63 -10.78 16.80 8.52
CA HIS B 63 -11.63 17.04 7.35
C HIS B 63 -12.99 17.57 7.76
N THR B 64 -13.46 18.58 7.03
CA THR B 64 -14.71 19.28 7.31
C THR B 64 -15.80 19.03 6.27
N TYR B 65 -17.02 18.87 6.76
CA TYR B 65 -18.23 18.78 5.96
C TYR B 65 -19.27 19.65 6.64
N ILE B 66 -20.02 20.43 5.84
CA ILE B 66 -21.13 21.30 6.27
C ILE B 66 -22.29 20.95 5.34
N ASN B 67 -23.44 20.55 5.93
CA ASN B 67 -24.61 20.14 5.15
C ASN B 67 -25.51 21.34 4.79
N ALA B 68 -26.62 21.10 4.04
CA ALA B 68 -27.60 22.10 3.61
C ALA B 68 -28.22 22.93 4.73
N GLU B 69 -28.38 22.35 5.93
CA GLU B 69 -29.00 23.02 7.10
C GLU B 69 -27.97 23.75 7.98
N GLY B 70 -26.69 23.66 7.64
CA GLY B 70 -25.64 24.35 8.38
C GLY B 70 -24.94 23.57 9.46
N ARG B 71 -25.23 22.27 9.62
CA ARG B 71 -24.54 21.43 10.59
C ARG B 71 -23.13 21.12 10.12
N LYS B 72 -22.14 21.24 11.01
CA LYS B 72 -20.74 21.05 10.66
C LYS B 72 -20.08 19.87 11.38
N TRP B 73 -19.29 19.07 10.62
CA TRP B 73 -18.49 17.95 11.12
C TRP B 73 -17.04 18.21 10.79
N MET B 74 -16.15 18.17 11.77
CA MET B 74 -14.71 18.29 11.56
C MET B 74 -14.11 17.03 12.18
N HIS B 75 -13.76 16.08 11.32
CA HIS B 75 -13.29 14.77 11.71
C HIS B 75 -11.81 14.54 11.49
N LYS B 76 -11.14 13.98 12.52
CA LYS B 76 -9.75 13.54 12.47
C LYS B 76 -9.75 11.98 12.46
N VAL B 77 -10.84 11.34 12.92
CA VAL B 77 -10.94 9.88 13.04
C VAL B 77 -12.07 9.29 12.18
N LEU B 78 -13.30 9.70 12.46
CA LEU B 78 -14.46 9.16 11.77
C LEU B 78 -14.53 9.60 10.32
N PRO B 79 -15.00 8.74 9.37
CA PRO B 79 -15.20 9.22 8.00
C PRO B 79 -16.27 10.34 7.98
N ASN B 80 -16.28 11.19 6.95
CA ASN B 80 -17.26 12.27 6.82
C ASN B 80 -18.61 11.76 6.27
N GLY B 81 -18.58 10.59 5.63
CA GLY B 81 -19.72 9.92 5.03
C GLY B 81 -20.75 9.34 5.97
N ILE B 82 -20.56 9.47 7.30
CA ILE B 82 -21.52 9.03 8.32
C ILE B 82 -22.90 9.75 8.19
N VAL B 83 -22.96 10.80 7.33
CA VAL B 83 -24.17 11.60 7.00
C VAL B 83 -25.07 10.86 5.96
N SER B 84 -24.62 9.67 5.52
CA SER B 84 -25.34 8.85 4.57
C SER B 84 -26.71 8.39 5.12
N PRO B 85 -27.81 8.72 4.40
CA PRO B 85 -29.15 8.30 4.87
C PRO B 85 -29.35 6.78 5.02
N ASN B 86 -28.43 5.95 4.48
CA ASN B 86 -28.52 4.48 4.59
C ASN B 86 -27.35 3.87 5.33
N LEU B 87 -26.68 4.65 6.17
CA LEU B 87 -25.56 4.19 6.99
C LEU B 87 -25.90 2.94 7.81
N LYS B 88 -25.05 1.92 7.68
CA LYS B 88 -25.18 0.63 8.37
C LYS B 88 -23.83 0.30 9.05
N ARG B 89 -22.70 0.64 8.40
CA ARG B 89 -21.35 0.36 8.92
C ARG B 89 -20.40 1.54 8.80
N VAL B 90 -19.59 1.77 9.85
CA VAL B 90 -18.52 2.78 9.92
C VAL B 90 -17.27 1.97 10.25
N MET B 91 -16.29 1.95 9.35
CA MET B 91 -15.11 1.11 9.51
C MET B 91 -13.81 1.92 9.52
N LEU B 92 -12.94 1.69 10.52
CA LEU B 92 -11.65 2.37 10.65
C LEU B 92 -10.55 1.33 10.41
N GLY B 93 -9.87 1.44 9.27
CA GLY B 93 -8.85 0.52 8.79
C GLY B 93 -7.62 0.33 9.66
N ALA B 94 -6.85 -0.72 9.32
CA ALA B 94 -5.59 -1.12 9.94
C ALA B 94 -4.52 -0.02 9.92
N GLY B 95 -4.57 0.84 8.89
CA GLY B 95 -3.68 1.98 8.69
C GLY B 95 -4.00 3.20 9.54
N SER B 96 -5.13 3.17 10.29
CA SER B 96 -5.55 4.26 11.17
C SER B 96 -4.61 4.44 12.36
N VAL B 97 -4.40 5.70 12.74
CA VAL B 97 -3.70 6.12 13.96
C VAL B 97 -4.69 7.07 14.62
N PHE B 98 -5.18 6.73 15.80
CA PHE B 98 -6.20 7.58 16.41
C PHE B 98 -6.06 7.73 17.91
N SER B 99 -6.51 8.88 18.40
CA SER B 99 -6.62 9.25 19.80
C SER B 99 -7.97 8.71 20.24
N ILE B 100 -7.99 7.86 21.29
CA ILE B 100 -9.24 7.31 21.82
C ILE B 100 -10.16 8.45 22.28
N ASN B 101 -9.60 9.46 22.97
CA ASN B 101 -10.33 10.63 23.44
C ASN B 101 -11.04 11.36 22.31
N ARG B 102 -10.34 11.52 21.16
CA ARG B 102 -10.87 12.17 19.96
C ARG B 102 -12.01 11.38 19.33
N LEU B 103 -11.83 10.05 19.20
CA LEU B 103 -12.85 9.13 18.68
C LEU B 103 -14.11 9.17 19.54
N MET B 104 -13.95 9.28 20.87
CA MET B 104 -15.08 9.35 21.79
C MET B 104 -15.87 10.64 21.59
N GLU B 105 -15.16 11.78 21.41
CA GLU B 105 -15.77 13.09 21.17
C GLU B 105 -16.47 13.12 19.81
N GLU B 106 -15.83 12.54 18.77
CA GLU B 106 -16.40 12.47 17.43
C GLU B 106 -17.63 11.60 17.38
N ILE B 107 -17.68 10.50 18.17
CA ILE B 107 -18.84 9.61 18.25
C ILE B 107 -19.99 10.31 18.97
N GLU B 108 -19.69 10.94 20.08
CA GLU B 108 -20.65 11.67 20.90
C GLU B 108 -21.33 12.79 20.12
N MET B 109 -20.60 13.50 19.28
CA MET B 109 -21.12 14.61 18.52
C MET B 109 -22.06 14.20 17.37
N SER B 110 -21.98 12.93 16.92
CA SER B 110 -22.81 12.36 15.87
C SER B 110 -23.55 11.13 16.37
N LYS B 111 -23.89 11.10 17.68
CA LYS B 111 -24.61 9.99 18.33
C LYS B 111 -26.01 9.71 17.73
N ASP B 112 -26.64 10.73 17.17
CA ASP B 112 -27.94 10.65 16.50
C ASP B 112 -27.83 9.83 15.22
N LEU B 113 -26.71 10.03 14.51
CA LEU B 113 -26.38 9.37 13.24
C LEU B 113 -25.85 7.96 13.49
N LEU B 114 -25.04 7.80 14.54
CA LEU B 114 -24.44 6.53 14.93
C LEU B 114 -25.34 5.83 15.96
N HIS B 115 -26.57 5.51 15.53
CA HIS B 115 -27.59 4.85 16.34
C HIS B 115 -27.38 3.32 16.49
N ASP B 116 -28.30 2.65 17.21
CA ASP B 116 -28.24 1.21 17.53
C ASP B 116 -28.12 0.26 16.33
N LYS B 117 -28.57 0.68 15.13
CA LYS B 117 -28.48 -0.15 13.92
C LYS B 117 -27.27 0.23 13.01
N VAL B 118 -26.31 0.96 13.60
CA VAL B 118 -25.07 1.37 12.97
C VAL B 118 -23.96 0.65 13.73
N ALA B 119 -23.15 -0.17 13.03
CA ALA B 119 -22.03 -0.89 13.62
C ALA B 119 -20.74 -0.12 13.29
N ILE B 120 -19.97 0.23 14.33
CA ILE B 120 -18.66 0.85 14.21
C ILE B 120 -17.63 -0.29 14.39
N LEU B 121 -16.75 -0.48 13.41
CA LEU B 121 -15.73 -1.54 13.38
C LEU B 121 -14.32 -0.95 13.31
N ILE B 122 -13.51 -1.14 14.36
CA ILE B 122 -12.13 -0.68 14.39
C ILE B 122 -11.30 -1.93 14.07
N HIS B 123 -10.45 -1.86 13.01
CA HIS B 123 -9.60 -3.00 12.66
C HIS B 123 -8.69 -3.36 13.88
N PRO B 124 -8.52 -4.68 14.21
CA PRO B 124 -7.70 -5.02 15.40
C PRO B 124 -6.27 -4.49 15.38
N MET B 125 -5.76 -4.22 14.17
CA MET B 125 -4.39 -3.76 13.98
C MET B 125 -4.27 -2.24 13.84
N ALA B 126 -5.39 -1.46 13.95
CA ALA B 126 -5.36 -0.01 13.94
C ALA B 126 -4.53 0.46 15.17
N THR B 127 -3.79 1.56 15.02
CA THR B 127 -2.88 2.06 16.04
C THR B 127 -3.53 3.07 17.00
N VAL B 128 -3.33 2.83 18.29
CA VAL B 128 -3.82 3.73 19.33
C VAL B 128 -2.70 4.73 19.65
N LEU B 129 -2.99 6.01 19.44
CA LEU B 129 -2.07 7.10 19.70
C LEU B 129 -1.86 7.34 21.21
N ASP B 130 -0.57 7.46 21.61
CA ASP B 130 -0.08 7.79 22.95
C ASP B 130 0.27 9.28 22.87
N GLU B 131 -0.77 10.14 23.00
CA GLU B 131 -0.70 11.60 22.89
C GLU B 131 0.62 12.21 23.41
N GLU B 132 0.93 12.03 24.72
CA GLU B 132 2.16 12.53 25.37
C GLU B 132 3.44 12.08 24.63
N ALA B 133 3.78 10.78 24.68
CA ALA B 133 4.96 10.15 24.08
C ALA B 133 5.12 10.32 22.57
N HIS B 134 4.06 10.05 21.79
CA HIS B 134 4.10 10.13 20.33
C HIS B 134 4.27 11.54 19.81
N LYS B 135 3.62 12.53 20.47
CA LYS B 135 3.78 13.95 20.12
C LYS B 135 5.18 14.46 20.46
N LYS B 136 5.73 14.03 21.63
CA LYS B 136 7.08 14.39 22.12
C LYS B 136 8.18 13.92 21.15
N ALA B 137 7.94 12.79 20.48
CA ALA B 137 8.85 12.13 19.54
C ALA B 137 8.86 12.77 18.14
N GLU B 138 7.92 13.70 17.88
CA GLU B 138 7.74 14.41 16.61
C GLU B 138 8.09 15.91 16.70
N VAL B 139 8.55 16.35 17.90
CA VAL B 139 9.05 17.69 18.19
C VAL B 139 10.38 17.71 17.40
N GLY B 140 10.62 18.70 16.57
CA GLY B 140 11.84 18.64 15.80
C GLY B 140 11.49 18.51 14.35
N ILE B 141 10.80 17.39 13.95
CA ILE B 141 10.33 17.29 12.56
C ILE B 141 9.19 18.32 12.35
N ALA B 142 8.49 18.68 13.44
CA ALA B 142 7.43 19.67 13.44
C ALA B 142 7.99 21.03 13.00
N THR B 143 9.28 21.34 13.34
CA THR B 143 9.96 22.57 12.92
C THR B 143 10.75 22.35 11.60
N SER B 144 11.68 21.36 11.58
CA SER B 144 12.60 21.01 10.48
C SER B 144 11.92 20.69 9.11
N ILE B 145 10.84 19.88 9.09
CA ILE B 145 10.13 19.53 7.84
C ILE B 145 8.70 20.12 7.80
N GLY B 146 8.39 20.99 8.78
CA GLY B 146 7.08 21.62 8.90
C GLY B 146 5.97 20.64 9.17
N SER B 147 6.32 19.53 9.88
CA SER B 147 5.39 18.46 10.22
C SER B 147 4.31 18.95 11.19
N THR B 148 3.15 18.26 11.19
CA THR B 148 2.04 18.59 12.07
C THR B 148 2.41 18.27 13.55
N GLY B 149 3.36 17.34 13.75
CA GLY B 149 3.85 16.88 15.06
C GLY B 149 2.79 16.20 15.91
N GLN B 150 1.78 15.60 15.26
CA GLN B 150 0.62 14.95 15.91
C GLN B 150 0.91 13.54 16.47
N GLY B 151 2.08 12.98 16.18
CA GLY B 151 2.51 11.68 16.68
C GLY B 151 2.28 10.49 15.77
N SER B 152 1.64 10.73 14.60
CA SER B 152 1.25 9.76 13.56
C SER B 152 2.35 8.76 13.21
N MET B 153 3.54 9.25 12.84
CA MET B 153 4.71 8.43 12.48
C MET B 153 5.29 7.70 13.70
N ALA B 154 5.43 8.40 14.86
CA ALA B 154 5.95 7.80 16.10
C ALA B 154 5.12 6.56 16.55
N ALA B 155 3.79 6.63 16.41
CA ALA B 155 2.84 5.56 16.74
C ALA B 155 2.99 4.40 15.76
N MET B 156 3.13 4.73 14.46
CA MET B 156 3.34 3.86 13.31
C MET B 156 4.64 3.07 13.49
N VAL B 157 5.68 3.72 14.03
CA VAL B 157 7.00 3.12 14.27
C VAL B 157 6.91 2.11 15.39
N GLU B 158 6.17 2.43 16.47
CA GLU B 158 5.95 1.55 17.62
C GLU B 158 5.24 0.27 17.19
N LYS B 159 4.23 0.40 16.27
CA LYS B 159 3.49 -0.74 15.71
C LYS B 159 4.47 -1.68 14.97
N LEU B 160 5.31 -1.09 14.07
CA LEU B 160 6.32 -1.75 13.26
C LEU B 160 7.36 -2.50 14.04
N GLN B 161 7.68 -2.03 15.27
CA GLN B 161 8.68 -2.64 16.15
C GLN B 161 8.33 -4.11 16.49
N ARG B 162 7.04 -4.46 16.48
CA ARG B 162 6.48 -5.81 16.71
C ARG B 162 7.05 -6.48 17.98
N ASP B 163 7.07 -5.74 19.09
CA ASP B 163 7.55 -6.24 20.38
C ASP B 163 6.42 -7.05 21.00
N PRO B 164 6.56 -8.40 21.11
CA PRO B 164 5.44 -9.20 21.67
C PRO B 164 5.02 -8.79 23.09
N THR B 165 5.94 -8.17 23.84
CA THR B 165 5.83 -7.66 25.20
C THR B 165 4.98 -6.35 25.27
N ASN B 166 4.79 -5.65 24.12
CA ASN B 166 4.03 -4.41 24.03
C ASN B 166 2.55 -4.63 23.69
N ASN B 167 1.68 -4.48 24.69
CA ASN B 167 0.24 -4.67 24.53
C ASN B 167 -0.51 -3.33 24.62
N THR B 168 0.14 -2.23 24.20
CA THR B 168 -0.45 -0.89 24.34
C THR B 168 -0.49 -0.09 23.04
N ILE B 169 -0.17 -0.68 21.90
CA ILE B 169 -0.16 0.10 20.67
C ILE B 169 -1.30 -0.30 19.69
N VAL B 170 -1.59 -1.62 19.48
CA VAL B 170 -2.67 -1.97 18.55
C VAL B 170 -4.00 -2.10 19.31
N ALA B 171 -5.11 -1.71 18.63
CA ALA B 171 -6.48 -1.67 19.17
C ALA B 171 -6.93 -2.95 19.88
N ARG B 172 -6.57 -4.11 19.30
CA ARG B 172 -6.85 -5.46 19.79
C ARG B 172 -6.29 -5.66 21.21
N ASP B 173 -5.08 -5.13 21.49
CA ASP B 173 -4.45 -5.25 22.81
C ASP B 173 -4.93 -4.19 23.78
N VAL B 174 -5.10 -2.95 23.28
CA VAL B 174 -5.59 -1.84 24.09
C VAL B 174 -7.02 -2.13 24.61
N ALA B 175 -7.88 -2.77 23.77
CA ALA B 175 -9.26 -3.15 24.12
C ALA B 175 -9.35 -4.05 25.38
N GLN B 176 -8.30 -4.81 25.68
CA GLN B 176 -8.22 -5.69 26.85
C GLN B 176 -8.23 -4.90 28.18
N TYR B 177 -7.77 -3.62 28.15
CA TYR B 177 -7.76 -2.80 29.37
C TYR B 177 -8.54 -1.48 29.20
N ASP B 178 -8.85 -1.07 27.96
CA ASP B 178 -9.60 0.16 27.69
C ASP B 178 -10.95 -0.22 27.06
N GLY B 179 -11.96 -0.29 27.91
CA GLY B 179 -13.32 -0.66 27.54
C GLY B 179 -14.07 0.35 26.70
N ARG B 180 -13.49 1.55 26.44
CA ARG B 180 -14.15 2.56 25.61
C ARG B 180 -14.22 2.13 24.14
N ILE B 181 -13.21 1.38 23.66
CA ILE B 181 -13.10 0.93 22.28
C ILE B 181 -13.43 -0.56 22.10
N ALA B 182 -13.47 -1.33 23.19
CA ALA B 182 -13.69 -2.77 23.23
C ALA B 182 -14.82 -3.35 22.35
N GLN B 183 -16.00 -2.70 22.35
CA GLN B 183 -17.19 -3.11 21.58
C GLN B 183 -16.94 -2.98 20.09
N TYR B 184 -16.19 -1.93 19.67
CA TYR B 184 -15.85 -1.60 18.29
C TYR B 184 -14.74 -2.44 17.68
N VAL B 185 -13.74 -2.84 18.48
CA VAL B 185 -12.60 -3.62 17.98
C VAL B 185 -13.10 -4.98 17.53
N CYS B 186 -12.89 -5.30 16.24
CA CYS B 186 -13.36 -6.55 15.66
C CYS B 186 -12.18 -7.48 15.37
N THR B 187 -12.44 -8.62 14.69
CA THR B 187 -11.40 -9.55 14.26
C THR B 187 -11.10 -9.25 12.77
N VAL B 188 -10.05 -9.87 12.21
CA VAL B 188 -9.72 -9.74 10.81
C VAL B 188 -10.87 -10.32 9.94
N GLU B 189 -11.40 -11.50 10.30
CA GLU B 189 -12.51 -12.16 9.61
C GLU B 189 -13.80 -11.34 9.63
N GLU B 190 -14.11 -10.67 10.75
CA GLU B 190 -15.27 -9.78 10.90
C GLU B 190 -15.15 -8.62 9.91
N TRP B 191 -13.91 -8.09 9.75
CA TRP B 191 -13.53 -7.01 8.84
C TRP B 191 -13.80 -7.39 7.40
N ASP B 192 -13.31 -8.57 6.97
CA ASP B 192 -13.48 -9.13 5.62
C ASP B 192 -14.94 -9.37 5.30
N MET B 193 -15.70 -9.87 6.30
CA MET B 193 -17.12 -10.20 6.18
C MET B 193 -17.98 -8.97 6.05
N ALA B 194 -17.61 -7.88 6.74
CA ALA B 194 -18.34 -6.62 6.70
C ALA B 194 -18.23 -6.00 5.31
N LEU B 195 -17.03 -6.10 4.68
CA LEU B 195 -16.79 -5.59 3.33
C LEU B 195 -17.57 -6.42 2.32
N MET B 196 -17.55 -7.74 2.52
CA MET B 196 -18.27 -8.68 1.67
C MET B 196 -19.77 -8.49 1.72
N ALA B 197 -20.33 -8.18 2.90
CA ALA B 197 -21.76 -7.95 3.15
C ALA B 197 -22.23 -6.61 2.59
N SER B 198 -21.34 -5.59 2.59
CA SER B 198 -21.64 -4.25 2.08
C SER B 198 -22.22 -4.22 0.67
N GLU B 199 -23.23 -3.36 0.46
CA GLU B 199 -23.88 -3.17 -0.84
C GLU B 199 -23.12 -2.13 -1.68
N ARG B 200 -22.83 -0.98 -1.07
CA ARG B 200 -22.11 0.15 -1.65
C ARG B 200 -21.25 0.82 -0.56
N ILE B 201 -19.96 1.02 -0.87
CA ILE B 201 -18.95 1.52 0.04
C ILE B 201 -18.31 2.86 -0.39
N LEU B 202 -18.17 3.78 0.56
CA LEU B 202 -17.48 5.05 0.38
C LEU B 202 -16.17 4.99 1.16
N ALA B 203 -15.04 4.98 0.44
CA ALA B 203 -13.69 4.95 1.00
C ALA B 203 -13.09 6.33 0.93
N GLU B 204 -12.57 6.81 2.05
CA GLU B 204 -12.01 8.16 2.10
C GLU B 204 -10.52 8.16 2.37
N GLY B 205 -9.76 8.74 1.43
CA GLY B 205 -8.31 8.90 1.54
C GLY B 205 -7.97 10.11 2.39
N ALA B 206 -6.70 10.28 2.73
CA ALA B 206 -6.25 11.42 3.54
C ALA B 206 -5.00 12.09 2.94
N GLN B 207 -4.58 13.22 3.51
CA GLN B 207 -3.42 14.00 3.05
C GLN B 207 -3.56 14.30 1.53
N GLY B 208 -2.55 14.05 0.71
CA GLY B 208 -2.63 14.32 -0.71
C GLY B 208 -1.49 13.73 -1.49
N PHE B 209 -1.72 13.48 -2.79
CA PHE B 209 -0.76 12.86 -3.71
C PHE B 209 0.68 13.34 -3.55
N SER B 210 0.91 14.66 -3.61
CA SER B 210 2.26 15.25 -3.50
C SER B 210 2.89 15.17 -2.10
N LEU B 211 2.14 14.73 -1.10
CA LEU B 211 2.66 14.57 0.26
C LEU B 211 3.20 13.17 0.44
N SER B 212 3.01 12.29 -0.58
CA SER B 212 3.48 10.91 -0.53
C SER B 212 4.92 10.78 -0.13
N LEU B 213 5.21 9.81 0.72
CA LEU B 213 6.55 9.49 1.19
C LEU B 213 7.47 9.17 -0.01
N ASN B 214 6.90 8.67 -1.11
CA ASN B 214 7.68 8.28 -2.29
C ASN B 214 7.56 9.21 -3.48
N GLN B 215 7.03 10.43 -3.26
CA GLN B 215 7.03 11.48 -4.27
C GLN B 215 8.30 12.37 -4.08
N GLU B 216 8.61 13.23 -5.05
CA GLU B 216 9.88 13.98 -5.17
C GLU B 216 10.30 14.92 -4.00
N PHE B 217 9.36 15.33 -3.11
CA PHE B 217 9.69 16.29 -2.06
C PHE B 217 10.32 15.70 -0.79
N TYR B 218 10.50 14.36 -0.70
CA TYR B 218 11.11 13.67 0.46
C TYR B 218 12.40 14.41 0.90
N PRO B 219 12.64 14.71 2.22
CA PRO B 219 11.86 14.33 3.43
C PRO B 219 10.68 15.24 3.79
N TYR B 220 10.35 16.22 2.93
CA TYR B 220 9.24 17.17 3.18
C TYR B 220 7.92 16.55 2.65
N CYS B 221 7.51 15.47 3.33
CA CYS B 221 6.39 14.62 2.94
C CYS B 221 5.84 13.93 4.20
N THR B 222 4.78 13.13 4.05
CA THR B 222 4.19 12.40 5.16
C THR B 222 4.81 10.99 5.26
N SER B 223 4.37 10.15 6.23
CA SER B 223 4.97 8.83 6.51
C SER B 223 4.42 7.62 5.64
N ARG B 224 3.55 7.90 4.66
CA ARG B 224 3.04 6.88 3.74
C ARG B 224 2.75 7.47 2.38
N ASP B 225 2.48 6.58 1.39
CA ASP B 225 2.06 7.00 0.06
C ASP B 225 0.58 7.39 0.10
N CYS B 226 0.23 8.47 -0.57
CA CYS B 226 -1.15 8.95 -0.60
C CYS B 226 -1.72 8.71 -2.01
N THR B 227 -1.78 7.43 -2.35
CA THR B 227 -2.19 6.96 -3.66
C THR B 227 -3.35 5.97 -3.49
N PRO B 228 -4.20 5.74 -4.53
CA PRO B 228 -5.27 4.75 -4.41
C PRO B 228 -4.83 3.36 -3.95
N ALA B 229 -3.70 2.84 -4.47
CA ALA B 229 -3.16 1.53 -4.08
C ALA B 229 -2.84 1.45 -2.59
N ARG B 230 -2.21 2.49 -2.01
CA ARG B 230 -1.89 2.50 -0.59
C ARG B 230 -3.13 2.62 0.28
N PHE B 231 -4.09 3.45 -0.11
CA PHE B 231 -5.34 3.59 0.64
C PHE B 231 -6.15 2.30 0.70
N LEU B 232 -6.29 1.60 -0.43
CA LEU B 232 -7.00 0.33 -0.47
C LEU B 232 -6.30 -0.67 0.43
N ALA B 233 -4.95 -0.76 0.35
CA ALA B 233 -4.10 -1.62 1.20
C ALA B 233 -4.30 -1.31 2.72
N ASP B 234 -4.30 -0.01 3.09
CA ASP B 234 -4.48 0.46 4.48
C ASP B 234 -5.89 0.27 5.05
N MET B 235 -6.87 0.06 4.14
CA MET B 235 -8.27 -0.17 4.48
C MET B 235 -8.64 -1.64 4.28
N GLY B 236 -7.71 -2.43 3.75
CA GLY B 236 -7.86 -3.87 3.52
C GLY B 236 -8.94 -4.18 2.50
N ILE B 237 -8.98 -3.40 1.42
CA ILE B 237 -9.97 -3.57 0.38
C ILE B 237 -9.38 -4.31 -0.82
N PRO B 238 -9.97 -5.48 -1.20
CA PRO B 238 -9.51 -6.18 -2.43
C PRO B 238 -9.66 -5.25 -3.66
N LEU B 239 -8.68 -5.31 -4.58
CA LEU B 239 -8.63 -4.47 -5.79
C LEU B 239 -9.85 -4.67 -6.71
N PRO B 240 -10.39 -5.90 -6.93
CA PRO B 240 -11.59 -6.03 -7.80
C PRO B 240 -12.84 -5.31 -7.25
N MET B 241 -12.81 -4.84 -5.98
CA MET B 241 -13.92 -4.13 -5.37
C MET B 241 -13.99 -2.64 -5.79
N LEU B 242 -12.88 -2.10 -6.29
CA LEU B 242 -12.83 -0.71 -6.70
C LEU B 242 -13.73 -0.47 -7.91
N ASN B 243 -14.60 0.52 -7.77
CA ASN B 243 -15.55 0.91 -8.78
C ASN B 243 -15.12 2.21 -9.47
N LYS B 244 -14.83 3.22 -8.68
CA LYS B 244 -14.59 4.58 -9.14
C LYS B 244 -13.64 5.30 -8.19
N VAL B 245 -12.75 6.13 -8.74
CA VAL B 245 -11.83 6.99 -7.98
C VAL B 245 -12.24 8.44 -8.29
N ILE B 246 -12.56 9.22 -7.23
CA ILE B 246 -12.91 10.65 -7.31
C ILE B 246 -11.75 11.41 -6.72
N GLY B 247 -11.02 12.10 -7.61
CA GLY B 247 -9.87 12.93 -7.26
C GLY B 247 -10.30 14.34 -6.95
N THR B 248 -9.66 14.97 -5.95
CA THR B 248 -10.02 16.34 -5.54
C THR B 248 -8.83 17.30 -5.75
N ALA B 249 -9.14 18.54 -6.16
CA ALA B 249 -8.13 19.57 -6.42
C ALA B 249 -8.68 20.95 -6.13
N ARG B 250 -7.76 21.91 -5.93
CA ARG B 250 -8.01 23.34 -5.71
C ARG B 250 -7.43 24.08 -6.88
N CYS B 251 -8.01 25.24 -7.20
CA CYS B 251 -7.54 26.15 -8.26
C CYS B 251 -6.16 26.74 -7.88
N HIS B 252 -5.91 26.93 -6.58
CA HIS B 252 -4.66 27.40 -6.00
C HIS B 252 -4.26 26.39 -4.89
N PRO B 253 -3.36 25.39 -5.14
CA PRO B 253 -3.03 24.43 -4.06
C PRO B 253 -2.37 25.07 -2.84
N ILE B 254 -2.54 24.41 -1.70
CA ILE B 254 -2.03 24.85 -0.41
C ILE B 254 -1.05 23.84 0.23
N ARG B 255 -0.23 24.32 1.19
CA ARG B 255 0.71 23.57 2.03
C ARG B 255 0.52 24.10 3.45
N VAL B 256 1.00 23.39 4.48
CA VAL B 256 0.93 23.90 5.85
C VAL B 256 2.02 24.98 6.08
N GLY B 257 1.88 25.74 7.16
CA GLY B 257 2.85 26.77 7.50
C GLY B 257 4.22 26.22 7.88
N GLY B 258 5.23 27.05 7.66
CA GLY B 258 6.61 26.76 8.00
C GLY B 258 7.43 26.22 6.85
N THR B 259 8.50 25.51 7.20
CA THR B 259 9.46 24.92 6.26
C THR B 259 8.92 23.56 5.78
N SER B 260 7.65 23.55 5.30
CA SER B 260 6.88 22.39 4.87
C SER B 260 7.33 21.70 3.57
N GLY B 261 8.14 22.39 2.75
CA GLY B 261 8.69 21.84 1.51
C GLY B 261 8.56 22.69 0.27
N GLY B 262 9.16 22.20 -0.81
CA GLY B 262 9.19 22.88 -2.09
C GLY B 262 7.93 22.70 -2.92
N HIS B 263 8.00 23.21 -4.14
CA HIS B 263 6.88 23.12 -5.08
C HIS B 263 7.39 22.68 -6.45
N TYR B 264 6.48 22.58 -7.42
CA TYR B 264 6.79 22.15 -8.77
C TYR B 264 7.41 23.29 -9.58
N PRO B 265 8.21 22.98 -10.65
CA PRO B 265 8.87 24.07 -11.41
C PRO B 265 7.96 25.09 -12.10
N ASP B 266 6.71 24.73 -12.43
CA ASP B 266 5.74 25.58 -13.13
C ASP B 266 4.76 26.32 -12.18
N GLN B 267 5.05 26.32 -10.87
CA GLN B 267 4.16 26.99 -9.95
C GLN B 267 4.94 27.95 -9.07
N GLU B 268 4.24 28.94 -8.51
CA GLU B 268 4.85 29.98 -7.69
C GLU B 268 4.05 30.19 -6.42
N GLU B 269 4.75 30.55 -5.33
CA GLU B 269 4.10 30.84 -4.06
C GLU B 269 3.41 32.20 -4.12
N LEU B 270 2.18 32.25 -3.66
CA LEU B 270 1.38 33.47 -3.65
C LEU B 270 1.12 33.91 -2.20
N THR B 271 0.29 34.94 -2.02
CA THR B 271 -0.16 35.43 -0.71
C THR B 271 -1.67 35.51 -0.79
N TRP B 272 -2.34 35.39 0.37
CA TRP B 272 -3.79 35.50 0.48
C TRP B 272 -4.27 36.88 0.03
N GLU B 273 -3.40 37.89 0.22
CA GLU B 273 -3.56 39.30 -0.20
C GLU B 273 -3.71 39.40 -1.72
N GLN B 274 -2.78 38.78 -2.49
CA GLN B 274 -2.79 38.73 -3.97
C GLN B 274 -4.12 38.18 -4.50
N LEU B 275 -4.70 37.20 -3.77
CA LEU B 275 -5.94 36.51 -4.11
C LEU B 275 -7.17 37.26 -3.64
N GLY B 276 -6.96 38.25 -2.76
CA GLY B 276 -8.04 39.03 -2.17
C GLY B 276 -8.87 38.23 -1.18
N GLN B 277 -8.24 37.23 -0.53
CA GLN B 277 -8.91 36.37 0.44
C GLN B 277 -8.37 36.53 1.85
N VAL B 278 -9.21 36.17 2.84
CA VAL B 278 -8.89 36.15 4.27
C VAL B 278 -7.91 34.97 4.45
N PRO B 279 -6.73 35.19 5.09
CA PRO B 279 -5.76 34.09 5.26
C PRO B 279 -6.31 32.81 5.88
N GLU B 280 -6.07 31.67 5.22
CA GLU B 280 -6.50 30.34 5.65
C GLU B 280 -5.60 29.76 6.72
N LEU B 281 -6.22 29.08 7.72
CA LEU B 281 -5.55 28.44 8.87
C LEU B 281 -5.68 26.91 8.79
N THR B 282 -4.61 26.18 9.19
CA THR B 282 -4.58 24.71 9.11
C THR B 282 -5.57 24.08 10.13
N THR B 283 -6.11 22.90 9.78
CA THR B 283 -7.13 22.14 10.55
C THR B 283 -6.75 21.73 11.96
N VAL B 284 -5.49 21.30 12.18
CA VAL B 284 -5.07 20.81 13.49
C VAL B 284 -4.24 21.88 14.25
N THR B 285 -3.20 22.44 13.60
CA THR B 285 -2.37 23.51 14.17
C THR B 285 -3.05 24.84 13.79
N LYS B 286 -3.13 25.81 14.69
CA LYS B 286 -3.73 27.07 14.26
C LYS B 286 -2.62 27.93 13.66
N LYS B 287 -2.21 27.51 12.45
CA LYS B 287 -1.11 28.02 11.65
C LYS B 287 -1.64 28.51 10.29
N VAL B 288 -0.95 29.46 9.65
CA VAL B 288 -1.34 29.99 8.33
C VAL B 288 -0.87 29.04 7.22
N ARG B 289 -1.74 28.83 6.23
CA ARG B 289 -1.48 27.98 5.10
C ARG B 289 -0.72 28.75 4.04
N ARG B 290 0.25 28.09 3.40
CA ARG B 290 1.01 28.62 2.26
C ARG B 290 0.17 28.33 1.01
N VAL B 291 0.06 29.29 0.07
CA VAL B 291 -0.75 29.16 -1.14
C VAL B 291 0.13 29.31 -2.39
N PHE B 292 -0.18 28.54 -3.44
CA PHE B 292 0.57 28.50 -4.69
C PHE B 292 -0.37 28.59 -5.87
N SER B 293 0.19 28.85 -7.04
CA SER B 293 -0.56 28.88 -8.28
C SER B 293 -0.84 27.44 -8.73
N PHE B 294 -1.83 27.25 -9.61
CA PHE B 294 -2.14 25.93 -10.14
C PHE B 294 -0.93 25.38 -10.90
N SER B 295 -0.60 24.09 -10.69
CA SER B 295 0.52 23.42 -11.36
C SER B 295 -0.01 22.31 -12.29
N PHE B 296 0.32 22.44 -13.57
CA PHE B 296 -0.05 21.47 -14.58
C PHE B 296 0.86 20.25 -14.45
N ILE B 297 2.13 20.45 -14.02
CA ILE B 297 3.08 19.34 -13.79
C ILE B 297 2.51 18.43 -12.69
N GLN B 298 2.04 19.02 -11.57
CA GLN B 298 1.44 18.30 -10.45
C GLN B 298 0.25 17.47 -10.92
N MET B 299 -0.64 18.05 -11.79
CA MET B 299 -1.77 17.33 -12.35
C MET B 299 -1.39 16.13 -13.17
N GLN B 300 -0.44 16.28 -14.10
CA GLN B 300 0.02 15.17 -14.95
C GLN B 300 0.52 14.02 -14.11
N LYS B 301 1.37 14.32 -13.10
CA LYS B 301 1.93 13.39 -12.13
C LYS B 301 0.85 12.68 -11.33
N ALA B 302 -0.11 13.44 -10.76
CA ALA B 302 -1.25 12.92 -9.98
C ALA B 302 -2.17 12.06 -10.84
N MET B 303 -2.44 12.49 -12.09
CA MET B 303 -3.31 11.77 -13.03
C MET B 303 -2.66 10.44 -13.40
N TRP B 304 -1.33 10.43 -13.64
CA TRP B 304 -0.60 9.22 -14.01
C TRP B 304 -0.78 8.12 -12.98
N THR B 305 -0.40 8.40 -11.70
CA THR B 305 -0.48 7.46 -10.59
C THR B 305 -1.91 7.22 -10.11
N CYS B 306 -2.63 8.28 -9.72
CA CYS B 306 -3.95 8.17 -9.11
C CYS B 306 -5.05 7.78 -10.08
N GLN B 307 -4.89 8.03 -11.39
CA GLN B 307 -5.86 7.68 -12.45
C GLN B 307 -7.35 7.90 -12.02
N PRO B 308 -7.79 9.14 -11.65
CA PRO B 308 -9.19 9.28 -11.22
C PRO B 308 -10.18 9.18 -12.38
N ASP B 309 -11.38 8.75 -12.07
CA ASP B 309 -12.45 8.58 -13.02
C ASP B 309 -13.22 9.90 -13.08
N GLU B 310 -13.36 10.56 -11.92
CA GLU B 310 -14.08 11.83 -11.75
C GLU B 310 -13.25 12.79 -10.92
N VAL B 311 -13.38 14.08 -11.20
CA VAL B 311 -12.64 15.12 -10.49
C VAL B 311 -13.59 16.15 -9.88
N PHE B 312 -13.26 16.58 -8.65
CA PHE B 312 -13.92 17.64 -7.92
C PHE B 312 -12.93 18.82 -7.87
N LEU B 313 -13.22 19.89 -8.62
CA LEU B 313 -12.41 21.08 -8.61
C LEU B 313 -13.05 22.07 -7.64
N ASN B 314 -12.40 22.26 -6.50
CA ASN B 314 -12.87 23.11 -5.43
C ASN B 314 -12.16 24.47 -5.38
N PHE B 315 -12.74 25.42 -4.62
CA PHE B 315 -12.28 26.79 -4.39
C PHE B 315 -12.26 27.62 -5.67
N CYS B 316 -13.27 27.37 -6.55
CA CYS B 316 -13.50 28.09 -7.80
C CYS B 316 -13.99 29.51 -7.45
N ASN B 317 -14.43 29.68 -6.19
CA ASN B 317 -14.91 30.95 -5.61
C ASN B 317 -13.76 31.98 -5.44
N TYR B 318 -12.48 31.53 -5.57
CA TYR B 318 -11.29 32.39 -5.47
C TYR B 318 -10.88 32.97 -6.83
N LEU B 319 -11.56 32.52 -7.91
CA LEU B 319 -11.31 32.92 -9.31
C LEU B 319 -12.57 33.43 -9.99
N SER B 320 -12.39 34.01 -11.18
CA SER B 320 -13.47 34.49 -12.04
C SER B 320 -13.87 33.33 -12.98
N PRO B 321 -15.10 33.33 -13.60
CA PRO B 321 -15.51 32.19 -14.45
C PRO B 321 -14.48 31.72 -15.48
N MET B 322 -13.82 32.63 -16.20
CA MET B 322 -12.80 32.27 -17.20
C MET B 322 -11.62 31.55 -16.56
N GLY B 323 -11.24 31.98 -15.35
CA GLY B 323 -10.13 31.42 -14.60
C GLY B 323 -10.36 29.98 -14.18
N TRP B 324 -11.51 29.69 -13.54
CA TRP B 324 -11.81 28.32 -13.11
C TRP B 324 -12.22 27.42 -14.29
N GLN B 325 -12.86 27.98 -15.36
CA GLN B 325 -13.21 27.22 -16.56
C GLN B 325 -11.94 26.76 -17.29
N ASP B 326 -10.91 27.62 -17.31
CA ASP B 326 -9.63 27.32 -17.94
C ASP B 326 -8.92 26.19 -17.22
N ILE B 327 -8.96 26.17 -15.87
CA ILE B 327 -8.36 25.12 -15.03
C ILE B 327 -9.06 23.76 -15.28
N VAL B 328 -10.40 23.76 -15.49
CA VAL B 328 -11.17 22.55 -15.84
C VAL B 328 -10.55 21.89 -17.11
N HIS B 329 -10.30 22.71 -18.17
CA HIS B 329 -9.75 22.24 -19.44
C HIS B 329 -8.31 21.77 -19.31
N GLN B 330 -7.52 22.44 -18.45
CA GLN B 330 -6.14 22.05 -18.16
C GLN B 330 -6.10 20.66 -17.53
N ILE B 331 -6.98 20.42 -16.53
CA ILE B 331 -7.08 19.17 -15.79
C ILE B 331 -7.43 18.02 -16.71
N GLU B 332 -8.36 18.25 -17.66
CA GLU B 332 -8.82 17.19 -18.55
C GLU B 332 -7.79 16.86 -19.58
N VAL B 333 -7.01 17.85 -20.03
CA VAL B 333 -5.94 17.64 -20.98
C VAL B 333 -4.74 16.96 -20.27
N ALA B 334 -4.46 17.35 -18.99
CA ALA B 334 -3.41 16.73 -18.16
C ALA B 334 -3.74 15.28 -17.98
N ALA B 335 -5.05 14.95 -17.79
CA ALA B 335 -5.55 13.59 -17.61
C ALA B 335 -5.32 12.77 -18.87
N GLN B 336 -5.89 13.20 -20.03
CA GLN B 336 -5.76 12.56 -21.36
C GLN B 336 -4.29 12.29 -21.71
N SER B 337 -3.39 13.23 -21.33
CA SER B 337 -1.95 13.11 -21.57
C SER B 337 -1.30 11.94 -20.81
N ARG B 338 -1.97 11.44 -19.75
CA ARG B 338 -1.45 10.37 -18.91
C ARG B 338 -2.35 9.12 -18.94
N TYR B 339 -3.04 8.92 -20.07
CA TYR B 339 -3.94 7.80 -20.39
C TYR B 339 -5.13 7.65 -19.45
N CYS B 340 -5.50 8.76 -18.75
CA CYS B 340 -6.60 8.81 -17.78
C CYS B 340 -7.81 9.55 -18.40
N ASP B 341 -9.00 8.93 -18.37
CA ASP B 341 -10.20 9.57 -18.93
C ASP B 341 -11.05 10.29 -17.83
N ALA B 342 -10.36 11.05 -16.95
CA ALA B 342 -10.97 11.80 -15.86
C ALA B 342 -11.87 12.90 -16.39
N GLU B 343 -13.06 12.98 -15.81
CA GLU B 343 -14.04 14.00 -16.12
C GLU B 343 -14.19 14.89 -14.90
N VAL B 344 -14.07 16.22 -15.10
CA VAL B 344 -14.32 17.16 -14.01
C VAL B 344 -15.83 17.16 -13.92
N LYS B 345 -16.39 16.46 -12.92
CA LYS B 345 -17.84 16.30 -12.74
C LYS B 345 -18.43 17.33 -11.74
N TYR B 346 -17.63 17.71 -10.72
CA TYR B 346 -18.07 18.60 -9.65
C TYR B 346 -17.22 19.79 -9.52
N LEU B 347 -17.88 20.92 -9.21
CA LEU B 347 -17.24 22.23 -9.01
C LEU B 347 -17.65 22.84 -7.67
N GLY B 348 -16.66 23.19 -6.85
CA GLY B 348 -16.88 23.77 -5.53
C GLY B 348 -16.80 25.28 -5.50
N PHE B 349 -17.82 25.93 -4.93
CA PHE B 349 -17.90 27.40 -4.81
C PHE B 349 -18.10 27.86 -3.37
N GLY B 350 -17.96 26.95 -2.42
CA GLY B 350 -18.11 27.27 -1.01
C GLY B 350 -17.91 26.05 -0.13
N PRO B 351 -17.91 26.23 1.22
CA PRO B 351 -17.63 25.08 2.12
C PRO B 351 -18.78 24.12 2.42
N THR B 352 -20.00 24.41 1.93
CA THR B 352 -21.17 23.59 2.25
C THR B 352 -21.70 22.76 1.07
N PHE B 353 -22.64 21.85 1.39
CA PHE B 353 -23.30 20.95 0.44
C PHE B 353 -23.89 21.75 -0.74
N ASN B 354 -24.60 22.85 -0.44
CA ASN B 354 -25.26 23.70 -1.43
C ASN B 354 -24.33 24.40 -2.42
N ASP B 355 -23.01 24.42 -2.12
CA ASP B 355 -21.99 25.07 -2.95
C ASP B 355 -21.32 24.12 -3.95
N VAL B 356 -21.64 22.82 -3.86
CA VAL B 356 -21.14 21.81 -4.79
C VAL B 356 -22.10 21.81 -5.95
N GLU B 357 -21.55 22.06 -7.15
CA GLU B 357 -22.30 22.15 -8.39
C GLU B 357 -21.86 21.07 -9.36
N LEU B 358 -22.77 20.72 -10.28
CA LEU B 358 -22.42 19.83 -11.37
C LEU B 358 -21.76 20.69 -12.44
N ARG B 359 -20.60 20.25 -12.94
CA ARG B 359 -19.85 20.98 -13.96
C ARG B 359 -20.73 21.24 -15.21
N GLU B 360 -21.55 20.24 -15.58
CA GLU B 360 -22.47 20.21 -16.71
C GLU B 360 -23.54 21.31 -16.62
N ASP B 361 -23.93 21.69 -15.40
CA ASP B 361 -24.94 22.72 -15.11
C ASP B 361 -24.40 24.16 -15.09
N VAL B 362 -23.07 24.35 -14.93
CA VAL B 362 -22.52 25.71 -14.80
C VAL B 362 -21.64 26.14 -15.98
N MET B 363 -21.22 25.18 -16.84
CA MET B 363 -20.37 25.47 -18.00
C MET B 363 -20.58 24.46 -19.17
#